data_6P5X
#
_entry.id   6P5X
#
_cell.length_a   60.061
_cell.length_b   99.784
_cell.length_c   145.463
_cell.angle_alpha   90.000
_cell.angle_beta   90.000
_cell.angle_gamma   90.000
#
_symmetry.space_group_name_H-M   'P 21 21 21'
#
loop_
_entity.id
_entity.type
_entity.pdbx_description
1 polymer 'Siroheme synthase'
2 non-polymer S-ADENOSYL-L-HOMOCYSTEINE
3 non-polymer 'CHLORIDE ION'
4 non-polymer "3,3',3'',3'''-[(7S,8S,12S,13S)-3,8,13,17-tetrakis(carboxymethyl)-8,13-dimethyl-7,8,12,13-tetrahydroporphyrin-2,7,12,18-tetrayl]tetrapropanoic acid"
5 water water
#
_entity_poly.entity_id   1
_entity_poly.type   'polypeptide(L)'
_entity_poly.pdbx_seq_one_letter_code
;MDHLPIFCQLRDRDCLIVGGGDVAERKARLLLEAGARLTVNALTFIPQFTVWANEGMLTLVEGPFDETLLDSCWLAIAAT
DDDTVNQRVSDAAESRRIFCNVVDAPKAASFIMPSIIDRSPLMVAVSAGGTSPVLARLLREKLESLLPQHLGQVARYAGQ
LRARVKKQFATMGERRRFWEKFFVNDRLAQSLANADEKAVNATTERLFSEPLDHRGEVVLVGAGPGDAGLLTLKGLQQIQ
QADIVVYDRLVSDDIMNLVRRDADRVFVGKRAGYHCVPQEEINQILLREAQKGKRVVRLKGGDPFIFGRGGEELETLCHA
GIPFSVVPGITAASGCSAYSGIPLTHRDYAQSVRLVTGHLKTGGELDWENLAAEKQTLVFYMGLNQAATIQEKLIAFGMQ
ADMPVALVENGTSVKQRVVHGVLTQLGELAQQVESPALIIVGRVVALRDKLNWFSNH
;
_entity_poly.pdbx_strand_id   A,B
#
loop_
_chem_comp.id
_chem_comp.type
_chem_comp.name
_chem_comp.formula
CL non-polymer 'CHLORIDE ION' 'Cl -1'
SHN non-polymer '3,3',3'',3'''-[(7S,8S,12S,13S)-3,8,13,17-tetrakis(carboxymethyl)-8,13-dimethyl-7,8,12,13-tetrahydroporphyrin-2,7,12,18-tetrayl]tetrapropanoic acid' 'C42 H46 N4 O16'
#
# COMPACT_ATOMS: atom_id res chain seq x y z
N MET A 1 -4.46 12.14 -10.33
CA MET A 1 -3.40 13.07 -9.91
C MET A 1 -3.77 14.51 -10.15
N ASP A 2 -3.71 15.33 -9.10
CA ASP A 2 -3.93 16.77 -9.27
C ASP A 2 -2.84 17.38 -10.14
N HIS A 3 -1.60 16.96 -9.93
CA HIS A 3 -0.46 17.53 -10.65
C HIS A 3 0.45 16.40 -11.08
N LEU A 4 1.28 16.67 -12.09
CA LEU A 4 2.34 15.74 -12.42
C LEU A 4 3.68 16.31 -11.96
N PRO A 5 4.36 15.69 -11.00
CA PRO A 5 5.71 16.17 -10.62
C PRO A 5 6.74 15.82 -11.67
N ILE A 6 7.51 16.82 -12.08
CA ILE A 6 8.65 16.59 -12.95
C ILE A 6 9.85 17.31 -12.37
N PHE A 7 11.02 16.83 -12.71
CA PHE A 7 12.27 17.45 -12.26
C PHE A 7 12.94 18.07 -13.47
N CYS A 8 12.93 19.40 -13.55
CA CYS A 8 13.35 20.13 -14.75
C CYS A 8 14.84 20.43 -14.73
N GLN A 9 15.49 20.33 -15.89
CA GLN A 9 16.86 20.79 -16.05
C GLN A 9 16.82 22.23 -16.58
N LEU A 10 17.15 23.19 -15.71
CA LEU A 10 17.05 24.60 -16.08
C LEU A 10 18.40 25.19 -16.46
N ARG A 11 19.48 24.42 -16.41
CA ARG A 11 20.79 24.97 -16.68
C ARG A 11 20.82 25.65 -18.04
N ASP A 12 21.17 26.93 -18.03
CA ASP A 12 21.30 27.77 -19.22
C ASP A 12 19.97 28.01 -19.95
N ARG A 13 18.84 27.77 -19.31
CA ARG A 13 17.53 28.00 -19.92
C ARG A 13 16.90 29.28 -19.36
N ASP A 14 16.39 30.12 -20.25
CA ASP A 14 15.78 31.39 -19.83
C ASP A 14 14.54 31.16 -18.96
N CYS A 15 14.49 31.87 -17.82
CA CYS A 15 13.33 31.94 -16.95
C CYS A 15 13.09 33.38 -16.55
N LEU A 16 11.83 33.69 -16.21
CA LEU A 16 11.45 35.06 -15.87
C LEU A 16 10.74 35.10 -14.53
N ILE A 17 11.15 36.03 -13.66
CA ILE A 17 10.42 36.33 -12.44
C ILE A 17 9.91 37.76 -12.57
N VAL A 18 8.61 37.95 -12.31
CA VAL A 18 8.03 39.28 -12.28
C VAL A 18 7.75 39.62 -10.83
N GLY A 19 8.31 40.73 -10.36
CA GLY A 19 8.25 41.06 -8.95
C GLY A 19 9.65 41.18 -8.37
N GLY A 20 9.80 41.95 -7.30
CA GLY A 20 11.14 42.26 -6.79
C GLY A 20 11.26 42.34 -5.28
N GLY A 21 10.31 41.75 -4.55
CA GLY A 21 10.34 41.77 -3.10
C GLY A 21 10.91 40.49 -2.51
N ASP A 22 10.56 40.26 -1.23
CA ASP A 22 11.09 39.09 -0.52
C ASP A 22 10.64 37.79 -1.16
N VAL A 23 9.39 37.72 -1.63
CA VAL A 23 8.93 36.51 -2.31
C VAL A 23 9.77 36.26 -3.57
N ALA A 24 9.90 37.29 -4.41
CA ALA A 24 10.69 37.14 -5.64
C ALA A 24 12.11 36.71 -5.33
N GLU A 25 12.68 37.24 -4.25
CA GLU A 25 14.05 36.90 -3.87
C GLU A 25 14.20 35.43 -3.53
N ARG A 26 13.24 34.86 -2.80
CA ARG A 26 13.33 33.43 -2.47
C ARG A 26 13.26 32.57 -3.72
N LYS A 27 12.33 32.90 -4.64
CA LYS A 27 12.22 32.14 -5.88
C LYS A 27 13.46 32.32 -6.77
N ALA A 28 14.01 33.53 -6.81
CA ALA A 28 15.21 33.78 -7.60
C ALA A 28 16.39 32.99 -7.09
N ARG A 29 16.57 32.94 -5.77
CA ARG A 29 17.63 32.12 -5.19
C ARG A 29 17.50 30.67 -5.64
N LEU A 30 16.28 30.14 -5.64
CA LEU A 30 16.08 28.76 -6.07
CA LEU A 30 16.08 28.75 -6.06
C LEU A 30 16.42 28.57 -7.53
N LEU A 31 15.94 29.47 -8.40
CA LEU A 31 16.23 29.32 -9.83
C LEU A 31 17.72 29.53 -10.12
N LEU A 32 18.39 30.40 -9.37
CA LEU A 32 19.82 30.57 -9.56
C LEU A 32 20.58 29.29 -9.20
N GLU A 33 20.23 28.66 -8.08
CA GLU A 33 20.88 27.40 -7.71
C GLU A 33 20.67 26.34 -8.78
N ALA A 34 19.51 26.33 -9.45
CA ALA A 34 19.24 25.38 -10.51
C ALA A 34 19.95 25.72 -11.82
N GLY A 35 20.65 26.85 -11.88
CA GLY A 35 21.38 27.24 -13.07
C GLY A 35 20.58 27.97 -14.12
N ALA A 36 19.40 28.46 -13.80
CA ALA A 36 18.58 29.16 -14.79
C ALA A 36 19.29 30.43 -15.29
N ARG A 37 19.00 30.79 -16.54
CA ARG A 37 19.38 32.11 -17.06
C ARG A 37 18.22 33.03 -16.72
N LEU A 38 18.40 33.85 -15.68
CA LEU A 38 17.27 34.48 -15.00
C LEU A 38 17.17 35.96 -15.36
N THR A 39 15.95 36.39 -15.68
CA THR A 39 15.58 37.81 -15.76
C THR A 39 14.52 38.10 -14.71
N VAL A 40 14.65 39.24 -14.04
CA VAL A 40 13.71 39.68 -13.03
C VAL A 40 13.16 41.03 -13.47
N ASN A 41 11.82 41.14 -13.51
CA ASN A 41 11.15 42.29 -14.08
C ASN A 41 10.23 42.86 -13.00
N ALA A 42 10.60 44.02 -12.45
CA ALA A 42 9.84 44.59 -11.33
C ALA A 42 9.93 46.11 -11.30
N LEU A 43 8.91 46.73 -10.72
CA LEU A 43 8.94 48.18 -10.55
C LEU A 43 9.97 48.62 -9.53
N THR A 44 10.13 47.84 -8.46
CA THR A 44 11.13 48.12 -7.43
C THR A 44 11.72 46.81 -6.97
N PHE A 45 12.97 46.88 -6.50
CA PHE A 45 13.73 45.72 -6.06
C PHE A 45 14.24 45.94 -4.64
N ILE A 46 14.20 44.88 -3.83
CA ILE A 46 14.86 44.88 -2.52
C ILE A 46 16.34 44.67 -2.78
N PRO A 47 17.23 45.12 -1.87
CA PRO A 47 18.65 45.26 -2.25
C PRO A 47 19.35 43.98 -2.69
N GLN A 48 18.89 42.80 -2.24
CA GLN A 48 19.52 41.56 -2.69
C GLN A 48 19.60 41.44 -4.21
N PHE A 49 18.67 42.07 -4.93
CA PHE A 49 18.62 41.96 -6.38
C PHE A 49 19.68 42.79 -7.07
N THR A 50 19.98 43.99 -6.55
CA THR A 50 20.90 44.87 -7.24
C THR A 50 22.33 44.34 -7.21
N VAL A 51 22.72 43.71 -6.10
CA VAL A 51 24.07 43.15 -6.04
C VAL A 51 24.19 41.93 -6.96
N TRP A 52 23.17 41.08 -7.00
CA TRP A 52 23.17 39.96 -7.92
C TRP A 52 23.44 40.41 -9.34
N ALA A 53 22.77 41.49 -9.78
CA ALA A 53 22.88 41.93 -11.16
C ALA A 53 24.25 42.50 -11.46
N ASN A 54 24.85 43.19 -10.49
CA ASN A 54 26.16 43.78 -10.73
C ASN A 54 27.25 42.71 -10.78
N GLU A 55 27.13 41.65 -9.98
CA GLU A 55 28.05 40.52 -10.09
C GLU A 55 27.58 39.50 -11.12
N GLY A 56 26.72 39.91 -12.06
CA GLY A 56 26.43 39.20 -13.30
C GLY A 56 25.59 37.94 -13.18
N MET A 57 24.91 37.72 -12.07
CA MET A 57 24.21 36.47 -11.89
C MET A 57 22.82 36.46 -12.49
N LEU A 58 22.27 37.61 -12.85
CA LEU A 58 20.95 37.69 -13.46
C LEU A 58 20.82 39.07 -14.09
N THR A 59 19.72 39.26 -14.83
CA THR A 59 19.45 40.54 -15.47
C THR A 59 18.22 41.16 -14.84
N LEU A 60 18.31 42.45 -14.51
CA LEU A 60 17.21 43.21 -13.94
C LEU A 60 16.59 44.08 -15.02
N VAL A 61 15.26 44.08 -15.06
CA VAL A 61 14.47 45.00 -15.90
C VAL A 61 13.57 45.78 -14.97
N GLU A 62 13.92 47.03 -14.69
CA GLU A 62 13.22 47.83 -13.68
C GLU A 62 12.10 48.63 -14.35
N GLY A 63 10.87 48.21 -14.13
CA GLY A 63 9.72 48.87 -14.70
C GLY A 63 8.52 47.94 -14.73
N PRO A 64 7.45 48.37 -15.39
CA PRO A 64 6.23 47.55 -15.48
C PRO A 64 6.49 46.28 -16.25
N PHE A 65 5.53 45.35 -16.15
CA PHE A 65 5.69 44.04 -16.79
C PHE A 65 5.81 44.19 -18.29
N ASP A 66 6.83 43.54 -18.87
CA ASP A 66 7.08 43.55 -20.33
C ASP A 66 6.85 42.12 -20.81
N GLU A 67 5.68 41.86 -21.41
CA GLU A 67 5.38 40.47 -21.73
C GLU A 67 6.30 39.92 -22.81
N THR A 68 7.00 40.78 -23.57
CA THR A 68 7.96 40.24 -24.53
C THR A 68 9.14 39.56 -23.84
N LEU A 69 9.34 39.80 -22.54
CA LEU A 69 10.37 39.09 -21.78
C LEU A 69 10.05 37.62 -21.62
N LEU A 70 8.81 37.21 -21.87
CA LEU A 70 8.48 35.79 -21.85
C LEU A 70 8.93 35.06 -23.12
N ASP A 71 9.26 35.79 -24.18
CA ASP A 71 9.31 35.17 -25.50
C ASP A 71 10.30 34.01 -25.57
N SER A 72 11.40 34.06 -24.83
CA SER A 72 12.39 32.98 -24.90
C SER A 72 12.36 32.08 -23.67
N CYS A 73 11.28 32.10 -22.91
CA CYS A 73 11.33 31.55 -21.56
C CYS A 73 10.74 30.14 -21.48
N TRP A 74 11.25 29.37 -20.53
CA TRP A 74 10.78 28.03 -20.24
C TRP A 74 9.91 27.97 -18.99
N LEU A 75 10.06 28.92 -18.08
CA LEU A 75 9.31 28.94 -16.85
C LEU A 75 9.09 30.40 -16.51
N ALA A 76 7.93 30.72 -15.93
CA ALA A 76 7.65 32.07 -15.45
C ALA A 76 7.11 32.01 -14.02
N ILE A 77 7.47 33.00 -13.20
CA ILE A 77 6.95 33.07 -11.84
C ILE A 77 6.43 34.49 -11.62
N ALA A 78 5.15 34.61 -11.28
CA ALA A 78 4.54 35.89 -10.96
C ALA A 78 4.60 36.08 -9.46
N ALA A 79 5.40 37.04 -9.01
CA ALA A 79 5.67 37.21 -7.60
C ALA A 79 5.54 38.66 -7.16
N THR A 80 4.52 39.37 -7.68
CA THR A 80 4.20 40.70 -7.17
C THR A 80 3.06 40.63 -6.17
N ASP A 81 2.80 41.76 -5.52
CA ASP A 81 1.68 41.91 -4.60
C ASP A 81 0.47 42.51 -5.29
N ASP A 82 0.44 42.47 -6.61
CA ASP A 82 -0.61 43.09 -7.41
C ASP A 82 -1.26 41.96 -8.21
N ASP A 83 -2.47 41.56 -7.82
CA ASP A 83 -3.11 40.42 -8.48
C ASP A 83 -3.44 40.71 -9.93
N THR A 84 -3.68 41.99 -10.26
CA THR A 84 -3.86 42.39 -11.65
C THR A 84 -2.61 42.10 -12.45
N VAL A 85 -1.45 42.50 -11.94
CA VAL A 85 -0.20 42.23 -12.65
C VAL A 85 0.04 40.73 -12.75
N ASN A 86 -0.08 40.01 -11.63
CA ASN A 86 0.14 38.56 -11.62
C ASN A 86 -0.71 37.86 -12.67
N GLN A 87 -1.95 38.31 -12.84
CA GLN A 87 -2.85 37.67 -13.80
C GLN A 87 -2.45 38.01 -15.23
N ARG A 88 -1.96 39.22 -15.47
CA ARG A 88 -1.44 39.54 -16.79
CA ARG A 88 -1.44 39.54 -16.79
C ARG A 88 -0.26 38.65 -17.14
N VAL A 89 0.62 38.40 -16.17
CA VAL A 89 1.75 37.51 -16.40
C VAL A 89 1.28 36.10 -16.69
N SER A 90 0.39 35.56 -15.85
CA SER A 90 -0.07 34.18 -16.09
C SER A 90 -0.78 34.05 -17.43
N ASP A 91 -1.59 35.04 -17.80
CA ASP A 91 -2.26 34.99 -19.12
C ASP A 91 -1.26 35.00 -20.27
N ALA A 92 -0.25 35.88 -20.20
CA ALA A 92 0.75 35.94 -21.26
C ALA A 92 1.56 34.66 -21.30
N ALA A 93 1.89 34.10 -20.14
CA ALA A 93 2.59 32.82 -20.12
C ALA A 93 1.75 31.70 -20.70
N GLU A 94 0.45 31.66 -20.35
CA GLU A 94 -0.40 30.58 -20.87
CA GLU A 94 -0.40 30.59 -20.88
C GLU A 94 -0.51 30.65 -22.39
N SER A 95 -0.59 31.85 -22.96
N SER A 95 -0.57 31.86 -22.97
CA SER A 95 -0.68 31.98 -24.41
CA SER A 95 -0.68 31.96 -24.41
C SER A 95 0.57 31.49 -25.12
C SER A 95 0.57 31.46 -25.12
N ARG A 96 1.72 31.49 -24.44
CA ARG A 96 2.98 30.98 -24.98
C ARG A 96 3.27 29.53 -24.59
N ARG A 97 2.34 28.87 -23.88
CA ARG A 97 2.55 27.51 -23.34
C ARG A 97 3.81 27.44 -22.46
N ILE A 98 3.98 28.43 -21.60
CA ILE A 98 5.06 28.49 -20.63
C ILE A 98 4.47 28.18 -19.26
N PHE A 99 4.98 27.12 -18.64
CA PHE A 99 4.56 26.82 -17.28
C PHE A 99 4.81 28.01 -16.37
N CYS A 100 3.80 28.37 -15.59
CA CYS A 100 3.82 29.60 -14.80
C CYS A 100 3.30 29.34 -13.39
N ASN A 101 3.99 29.89 -12.39
CA ASN A 101 3.53 29.83 -11.01
C ASN A 101 3.13 31.24 -10.57
N VAL A 102 1.95 31.38 -9.98
CA VAL A 102 1.56 32.61 -9.31
C VAL A 102 1.69 32.33 -7.82
N VAL A 103 2.73 32.91 -7.19
CA VAL A 103 3.14 32.45 -5.86
C VAL A 103 1.98 32.55 -4.88
N ASP A 104 1.26 33.67 -4.87
CA ASP A 104 0.20 33.82 -3.87
C ASP A 104 -1.12 33.17 -4.28
N ALA A 105 -1.16 32.40 -5.37
CA ALA A 105 -2.41 31.83 -5.87
C ALA A 105 -2.10 30.49 -6.54
N PRO A 106 -1.86 29.45 -5.73
CA PRO A 106 -1.42 28.18 -6.33
C PRO A 106 -2.49 27.50 -7.18
N LYS A 107 -3.77 27.84 -6.99
CA LYS A 107 -4.82 27.28 -7.82
C LYS A 107 -4.96 27.98 -9.16
N ALA A 108 -4.29 29.10 -9.35
CA ALA A 108 -4.21 29.74 -10.65
C ALA A 108 -2.94 29.25 -11.37
N ALA A 109 -2.83 29.62 -12.64
CA ALA A 109 -1.63 29.34 -13.40
C ALA A 109 -1.41 27.82 -13.54
N SER A 110 -0.18 27.37 -13.76
CA SER A 110 0.00 26.04 -14.32
C SER A 110 1.09 25.18 -13.68
N PHE A 111 1.81 25.68 -12.68
CA PHE A 111 2.60 24.80 -11.83
C PHE A 111 2.70 25.38 -10.43
N ILE A 112 2.99 24.49 -9.48
CA ILE A 112 3.29 24.93 -8.14
CA ILE A 112 3.22 24.79 -8.07
C ILE A 112 4.67 24.42 -7.74
N MET A 113 5.29 25.16 -6.83
CA MET A 113 6.62 24.80 -6.40
CA MET A 113 6.64 24.85 -6.36
C MET A 113 6.51 24.03 -5.09
N PRO A 114 7.00 22.79 -5.07
CA PRO A 114 6.88 21.98 -3.87
C PRO A 114 7.93 22.34 -2.83
N SER A 115 7.69 21.90 -1.60
CA SER A 115 8.72 21.88 -0.56
C SER A 115 9.72 20.80 -0.92
N ILE A 116 10.98 21.01 -0.56
CA ILE A 116 12.07 20.14 -1.01
C ILE A 116 12.85 19.63 0.19
N ILE A 117 13.06 18.32 0.26
CA ILE A 117 14.00 17.72 1.19
C ILE A 117 15.25 17.39 0.38
N ASP A 118 16.40 17.91 0.82
CA ASP A 118 17.61 17.92 0.00
C ASP A 118 18.62 16.91 0.56
N ARG A 119 18.88 15.86 -0.21
CA ARG A 119 19.94 14.90 0.06
C ARG A 119 20.78 14.74 -1.20
N SER A 120 21.20 15.87 -1.76
CA SER A 120 21.62 15.94 -3.15
C SER A 120 22.68 14.88 -3.45
N PRO A 121 22.59 14.18 -4.58
CA PRO A 121 21.64 14.31 -5.70
C PRO A 121 20.24 13.74 -5.45
N LEU A 122 20.02 13.11 -4.30
CA LEU A 122 18.67 12.66 -3.97
C LEU A 122 17.84 13.86 -3.52
N MET A 123 16.65 14.00 -4.08
N MET A 123 16.63 14.00 -4.06
CA MET A 123 15.73 15.05 -3.68
CA MET A 123 15.73 15.09 -3.70
C MET A 123 14.36 14.44 -3.48
C MET A 123 14.30 14.59 -3.58
N VAL A 124 13.62 14.97 -2.51
CA VAL A 124 12.24 14.57 -2.28
C VAL A 124 11.40 15.86 -2.24
N ALA A 125 10.38 15.93 -3.09
CA ALA A 125 9.49 17.09 -3.18
C ALA A 125 8.11 16.73 -2.65
N VAL A 126 7.50 17.64 -1.91
CA VAL A 126 6.26 17.41 -1.19
C VAL A 126 5.35 18.61 -1.45
N SER A 127 4.08 18.37 -1.78
CA SER A 127 3.13 19.47 -1.83
C SER A 127 1.71 18.95 -1.70
N ALA A 128 0.85 19.79 -1.11
CA ALA A 128 -0.57 19.53 -1.00
C ALA A 128 -1.39 20.44 -1.91
N GLY A 129 -0.74 21.04 -2.91
CA GLY A 129 -1.45 21.87 -3.86
C GLY A 129 -1.97 23.18 -3.30
N GLY A 130 -1.35 23.70 -2.23
CA GLY A 130 -1.83 24.88 -1.55
C GLY A 130 -3.06 24.68 -0.70
N THR A 131 -3.76 23.55 -0.84
CA THR A 131 -4.96 23.30 -0.04
C THR A 131 -4.63 23.27 1.44
N SER A 132 -3.41 22.89 1.81
CA SER A 132 -3.08 22.58 3.19
C SER A 132 -1.58 22.75 3.43
N PRO A 133 -1.14 23.96 3.74
CA PRO A 133 0.29 24.17 4.03
C PRO A 133 0.77 23.45 5.28
N VAL A 134 -0.11 23.25 6.28
CA VAL A 134 0.29 22.55 7.50
C VAL A 134 0.66 21.10 7.19
N LEU A 135 -0.23 20.40 6.48
CA LEU A 135 0.03 18.99 6.17
C LEU A 135 1.34 18.83 5.41
N ALA A 136 1.61 19.72 4.46
CA ALA A 136 2.89 19.67 3.76
C ALA A 136 4.06 19.84 4.73
N ARG A 137 3.94 20.78 5.66
CA ARG A 137 5.02 20.99 6.63
C ARG A 137 5.16 19.78 7.54
N LEU A 138 4.04 19.25 8.04
CA LEU A 138 4.11 18.04 8.86
C LEU A 138 4.74 16.88 8.11
N LEU A 139 4.42 16.73 6.82
CA LEU A 139 5.05 15.66 6.03
C LEU A 139 6.53 15.92 5.84
N ARG A 140 6.89 17.16 5.52
CA ARG A 140 8.29 17.50 5.33
C ARG A 140 9.11 17.17 6.57
N GLU A 141 8.60 17.57 7.74
CA GLU A 141 9.23 17.23 9.00
C GLU A 141 9.46 15.73 9.13
N LYS A 142 8.45 14.93 8.80
CA LYS A 142 8.55 13.49 8.93
C LYS A 142 9.53 12.90 7.91
N LEU A 143 9.54 13.44 6.68
CA LEU A 143 10.44 12.91 5.66
C LEU A 143 11.89 13.24 5.99
N GLU A 144 12.15 14.45 6.52
CA GLU A 144 13.52 14.80 6.88
C GLU A 144 14.08 13.83 7.92
N SER A 145 13.23 13.33 8.82
CA SER A 145 13.69 12.40 9.84
C SER A 145 13.91 11.00 9.29
N LEU A 146 13.19 10.60 8.24
CA LEU A 146 13.34 9.27 7.66
C LEU A 146 14.57 9.12 6.78
N LEU A 147 15.10 10.21 6.23
CA LEU A 147 16.14 10.12 5.21
C LEU A 147 17.49 10.44 5.82
N PRO A 148 18.37 9.46 6.01
CA PRO A 148 19.70 9.75 6.59
C PRO A 148 20.42 10.84 5.80
N GLN A 149 21.23 11.63 6.53
CA GLN A 149 21.96 12.72 5.90
C GLN A 149 22.96 12.22 4.86
N HIS A 150 23.45 10.99 5.02
N HIS A 150 23.44 10.98 5.04
CA HIS A 150 24.44 10.46 4.10
CA HIS A 150 24.44 10.39 4.15
C HIS A 150 23.81 9.58 3.01
C HIS A 150 23.84 9.76 2.90
N LEU A 151 22.51 9.75 2.76
CA LEU A 151 21.89 9.12 1.60
C LEU A 151 22.45 9.71 0.32
N GLY A 152 22.77 11.00 0.32
CA GLY A 152 23.28 11.63 -0.88
C GLY A 152 24.59 11.06 -1.36
N GLN A 153 25.45 10.65 -0.43
CA GLN A 153 26.72 10.04 -0.82
C GLN A 153 26.51 8.67 -1.45
N VAL A 154 25.50 7.94 -1.00
CA VAL A 154 25.20 6.67 -1.62
C VAL A 154 24.73 6.89 -3.06
N ALA A 155 23.79 7.81 -3.26
CA ALA A 155 23.29 8.12 -4.60
C ALA A 155 24.40 8.65 -5.49
N ARG A 156 25.26 9.52 -4.94
CA ARG A 156 26.39 10.04 -5.73
C ARG A 156 27.29 8.90 -6.21
N TYR A 157 27.66 8.00 -5.31
CA TYR A 157 28.53 6.89 -5.69
C TYR A 157 27.85 5.97 -6.70
N ALA A 158 26.55 5.72 -6.53
CA ALA A 158 25.82 4.91 -7.50
C ALA A 158 25.93 5.49 -8.90
N GLY A 159 25.71 6.80 -9.03
CA GLY A 159 25.81 7.42 -10.34
C GLY A 159 27.18 7.23 -10.97
N GLN A 160 28.23 7.28 -10.15
CA GLN A 160 29.58 7.06 -10.63
C GLN A 160 29.82 5.64 -11.08
N LEU A 161 29.03 4.68 -10.59
CA LEU A 161 29.20 3.29 -10.96
C LEU A 161 28.28 2.83 -12.09
N ARG A 162 27.35 3.67 -12.55
CA ARG A 162 26.35 3.19 -13.51
C ARG A 162 26.99 2.67 -14.79
N ALA A 163 28.03 3.35 -15.28
CA ALA A 163 28.72 2.88 -16.48
C ALA A 163 29.36 1.52 -16.26
N ARG A 164 30.02 1.32 -15.11
CA ARG A 164 30.62 0.01 -14.85
C ARG A 164 29.55 -1.08 -14.73
N VAL A 165 28.42 -0.76 -14.10
CA VAL A 165 27.37 -1.76 -13.95
C VAL A 165 26.78 -2.12 -15.31
N LYS A 166 26.61 -1.13 -16.19
CA LYS A 166 26.12 -1.40 -17.54
C LYS A 166 27.09 -2.29 -18.31
N LYS A 167 28.40 -2.02 -18.17
CA LYS A 167 29.39 -2.82 -18.88
C LYS A 167 29.43 -4.26 -18.38
N GLN A 168 29.37 -4.46 -17.05
CA GLN A 168 29.68 -5.78 -16.48
C GLN A 168 28.49 -6.72 -16.44
N PHE A 169 27.27 -6.23 -16.39
CA PHE A 169 26.09 -7.08 -16.35
C PHE A 169 25.32 -6.93 -17.66
N ALA A 170 25.00 -8.06 -18.30
CA ALA A 170 24.46 -8.02 -19.66
C ALA A 170 22.97 -7.76 -19.73
N THR A 171 22.22 -8.01 -18.65
CA THR A 171 20.77 -7.91 -18.67
C THR A 171 20.30 -6.90 -17.64
N MET A 172 19.11 -6.35 -17.87
CA MET A 172 18.53 -5.45 -16.88
C MET A 172 18.21 -6.17 -15.58
N GLY A 173 17.85 -7.45 -15.66
CA GLY A 173 17.54 -8.20 -14.45
C GLY A 173 18.73 -8.30 -13.52
N GLU A 174 19.93 -8.54 -14.07
CA GLU A 174 21.14 -8.57 -13.26
C GLU A 174 21.48 -7.20 -12.70
N ARG A 175 21.41 -6.15 -13.53
CA ARG A 175 21.67 -4.80 -13.05
C ARG A 175 20.74 -4.43 -11.90
N ARG A 176 19.45 -4.72 -12.06
CA ARG A 176 18.51 -4.41 -10.99
C ARG A 176 18.88 -5.15 -9.70
N ARG A 177 19.26 -6.42 -9.80
CA ARG A 177 19.62 -7.18 -8.60
C ARG A 177 20.86 -6.62 -7.93
N PHE A 178 21.85 -6.20 -8.73
CA PHE A 178 23.03 -5.54 -8.16
C PHE A 178 22.62 -4.30 -7.37
N TRP A 179 21.80 -3.44 -7.96
CA TRP A 179 21.43 -2.21 -7.27
C TRP A 179 20.63 -2.49 -6.01
N GLU A 180 19.78 -3.52 -6.02
CA GLU A 180 18.98 -3.80 -4.82
C GLU A 180 19.86 -4.23 -3.65
N LYS A 181 20.96 -4.94 -3.92
CA LYS A 181 21.97 -5.21 -2.89
C LYS A 181 22.74 -3.95 -2.51
N PHE A 182 23.22 -3.21 -3.52
CA PHE A 182 24.00 -1.99 -3.32
C PHE A 182 23.32 -1.05 -2.33
N PHE A 183 22.04 -0.72 -2.57
CA PHE A 183 21.37 0.33 -1.82
C PHE A 183 20.97 -0.11 -0.41
N VAL A 184 21.20 -1.36 -0.02
CA VAL A 184 20.90 -1.76 1.35
C VAL A 184 22.13 -2.29 2.10
N ASN A 185 23.33 -2.08 1.57
CA ASN A 185 24.55 -2.45 2.30
C ASN A 185 24.91 -1.31 3.25
N ASP A 186 24.67 -1.53 4.54
CA ASP A 186 24.91 -0.49 5.54
C ASP A 186 26.38 -0.17 5.70
N ARG A 187 27.26 -1.16 5.55
N ARG A 187 27.26 -1.17 5.58
CA ARG A 187 28.68 -0.88 5.70
CA ARG A 187 28.69 -0.91 5.68
C ARG A 187 29.21 0.01 4.57
C ARG A 187 29.14 0.04 4.59
N LEU A 188 28.73 -0.23 3.34
CA LEU A 188 29.08 0.65 2.25
C LEU A 188 28.66 2.10 2.54
N ALA A 189 27.44 2.28 3.03
CA ALA A 189 26.95 3.63 3.31
C ALA A 189 27.81 4.33 4.35
N GLN A 190 28.17 3.61 5.42
CA GLN A 190 29.02 4.17 6.47
C GLN A 190 30.39 4.56 5.93
N SER A 191 31.02 3.67 5.14
CA SER A 191 32.34 3.96 4.61
C SER A 191 32.33 5.21 3.73
N LEU A 192 31.28 5.35 2.90
CA LEU A 192 31.11 6.56 2.12
C LEU A 192 31.02 7.79 3.02
N ALA A 193 30.23 7.69 4.09
CA ALA A 193 30.09 8.80 5.03
C ALA A 193 31.40 9.14 5.73
N ASN A 194 32.29 8.15 5.89
CA ASN A 194 33.59 8.37 6.52
C ASN A 194 34.68 8.68 5.52
N ALA A 195 34.36 8.73 4.22
CA ALA A 195 35.37 8.95 3.17
C ALA A 195 36.49 7.92 3.26
N ASP A 196 36.16 6.74 3.78
CA ASP A 196 37.11 5.64 3.93
C ASP A 196 37.17 4.92 2.59
N GLU A 197 38.06 5.39 1.71
CA GLU A 197 38.09 4.91 0.33
C GLU A 197 38.52 3.46 0.25
N LYS A 198 39.41 3.02 1.14
CA LYS A 198 39.81 1.62 1.15
C LYS A 198 38.63 0.72 1.45
N ALA A 199 37.77 1.13 2.40
CA ALA A 199 36.64 0.30 2.79
C ALA A 199 35.58 0.30 1.71
N VAL A 200 35.36 1.45 1.09
CA VAL A 200 34.41 1.55 -0.02
C VAL A 200 34.81 0.61 -1.14
N ASN A 201 36.10 0.63 -1.51
CA ASN A 201 36.59 -0.21 -2.60
C ASN A 201 36.49 -1.69 -2.26
N ALA A 202 36.80 -2.06 -1.02
CA ALA A 202 36.73 -3.47 -0.63
C ALA A 202 35.32 -4.02 -0.76
N THR A 203 34.32 -3.34 -0.19
CA THR A 203 32.95 -3.83 -0.30
C THR A 203 32.46 -3.80 -1.76
N THR A 204 32.88 -2.77 -2.51
CA THR A 204 32.49 -2.64 -3.91
C THR A 204 33.02 -3.81 -4.74
N GLU A 205 34.32 -4.10 -4.62
CA GLU A 205 34.91 -5.27 -5.29
C GLU A 205 34.10 -6.53 -5.00
N ARG A 206 33.77 -6.76 -3.73
CA ARG A 206 33.05 -7.97 -3.39
C ARG A 206 31.65 -7.99 -4.01
N LEU A 207 30.95 -6.85 -4.02
CA LEU A 207 29.61 -6.82 -4.61
C LEU A 207 29.67 -7.16 -6.09
N PHE A 208 30.62 -6.58 -6.81
CA PHE A 208 30.75 -6.91 -8.22
C PHE A 208 31.11 -8.37 -8.46
N SER A 209 31.78 -9.02 -7.49
CA SER A 209 32.26 -10.38 -7.70
C SER A 209 31.21 -11.44 -7.42
N GLU A 210 30.10 -11.09 -6.81
CA GLU A 210 29.12 -12.10 -6.38
C GLU A 210 28.43 -12.70 -7.60
N PRO A 211 28.37 -14.01 -7.71
CA PRO A 211 27.49 -14.61 -8.72
C PRO A 211 26.04 -14.25 -8.42
N LEU A 212 25.32 -13.84 -9.46
CA LEU A 212 23.92 -13.46 -9.32
C LEU A 212 23.03 -14.64 -9.68
N ASP A 213 21.97 -14.82 -8.90
CA ASP A 213 21.00 -15.86 -9.17
C ASP A 213 20.23 -15.50 -10.42
N HIS A 214 20.49 -16.23 -11.51
CA HIS A 214 19.72 -16.07 -12.73
C HIS A 214 18.45 -16.90 -12.74
N ARG A 215 18.21 -17.69 -11.69
CA ARG A 215 16.97 -18.45 -11.61
C ARG A 215 15.80 -17.50 -11.43
N GLY A 216 14.65 -17.92 -11.95
CA GLY A 216 13.43 -17.20 -11.70
C GLY A 216 12.98 -17.40 -10.27
N GLU A 217 11.74 -16.99 -10.02
CA GLU A 217 11.14 -17.07 -8.70
C GLU A 217 9.64 -16.88 -8.87
N VAL A 218 8.84 -17.66 -8.13
CA VAL A 218 7.41 -17.46 -8.06
C VAL A 218 7.06 -17.22 -6.61
N VAL A 219 6.48 -16.05 -6.31
CA VAL A 219 5.99 -15.73 -4.97
C VAL A 219 4.48 -15.55 -5.04
N LEU A 220 3.75 -16.31 -4.21
CA LEU A 220 2.31 -16.06 -4.09
C LEU A 220 2.13 -15.00 -3.02
N VAL A 221 1.38 -13.95 -3.33
CA VAL A 221 1.15 -12.87 -2.39
C VAL A 221 -0.35 -12.72 -2.15
N GLY A 222 -0.75 -12.74 -0.89
CA GLY A 222 -2.11 -12.42 -0.47
C GLY A 222 -2.37 -10.93 -0.45
N ALA A 223 -3.20 -10.47 -1.37
CA ALA A 223 -3.53 -9.05 -1.47
C ALA A 223 -4.44 -8.61 -0.33
N GLY A 224 -5.11 -9.54 0.34
CA GLY A 224 -6.13 -9.17 1.29
C GLY A 224 -7.43 -8.90 0.56
N PRO A 225 -8.48 -8.52 1.30
CA PRO A 225 -9.81 -8.48 0.70
C PRO A 225 -10.12 -7.22 -0.09
N GLY A 226 -9.26 -6.21 -0.08
CA GLY A 226 -9.52 -5.05 -0.91
C GLY A 226 -8.88 -3.76 -0.43
N ASP A 227 -9.05 -3.44 0.86
CA ASP A 227 -8.41 -2.24 1.43
C ASP A 227 -6.90 -2.35 1.26
N ALA A 228 -6.29 -1.41 0.53
CA ALA A 228 -4.86 -1.51 0.27
C ALA A 228 -4.05 -1.42 1.57
N GLY A 229 -4.61 -0.76 2.60
CA GLY A 229 -3.98 -0.74 3.91
C GLY A 229 -3.80 -2.13 4.53
N LEU A 230 -4.51 -3.14 4.04
CA LEU A 230 -4.42 -4.49 4.58
C LEU A 230 -3.41 -5.36 3.83
N LEU A 231 -2.74 -4.82 2.81
CA LEU A 231 -1.58 -5.53 2.29
C LEU A 231 -0.50 -5.60 3.38
N THR A 232 0.26 -6.70 3.41
CA THR A 232 1.35 -6.81 4.37
C THR A 232 2.57 -6.03 3.88
N LEU A 233 3.44 -5.64 4.82
CA LEU A 233 4.71 -5.02 4.43
C LEU A 233 5.48 -5.89 3.46
N LYS A 234 5.52 -7.20 3.72
CA LYS A 234 6.28 -8.08 2.85
C LYS A 234 5.60 -8.24 1.50
N GLY A 235 4.26 -8.26 1.46
CA GLY A 235 3.57 -8.29 0.19
C GLY A 235 3.86 -7.07 -0.65
N LEU A 236 3.90 -5.89 -0.02
CA LEU A 236 4.27 -4.67 -0.74
C LEU A 236 5.68 -4.78 -1.29
N GLN A 237 6.61 -5.26 -0.46
CA GLN A 237 7.98 -5.47 -0.90
C GLN A 237 8.04 -6.36 -2.14
N GLN A 238 7.32 -7.50 -2.12
CA GLN A 238 7.43 -8.43 -3.23
C GLN A 238 6.85 -7.86 -4.52
N ILE A 239 5.70 -7.16 -4.43
CA ILE A 239 5.14 -6.63 -5.67
C ILE A 239 5.95 -5.45 -6.16
N GLN A 240 6.67 -4.76 -5.28
CA GLN A 240 7.50 -3.64 -5.70
C GLN A 240 8.78 -4.07 -6.39
N GLN A 241 9.16 -5.34 -6.31
CA GLN A 241 10.37 -5.82 -6.98
C GLN A 241 10.09 -6.89 -8.02
N ALA A 242 8.82 -7.13 -8.34
CA ALA A 242 8.46 -8.15 -9.30
C ALA A 242 8.74 -7.69 -10.74
N ASP A 243 9.19 -8.63 -11.57
CA ASP A 243 9.24 -8.39 -13.01
C ASP A 243 7.85 -8.45 -13.64
N ILE A 244 6.98 -9.32 -13.13
CA ILE A 244 5.67 -9.56 -13.72
C ILE A 244 4.72 -9.96 -12.60
N VAL A 245 3.49 -9.46 -12.68
CA VAL A 245 2.47 -9.71 -11.65
C VAL A 245 1.25 -10.33 -12.32
N VAL A 246 0.90 -11.54 -11.91
CA VAL A 246 -0.24 -12.26 -12.46
C VAL A 246 -1.36 -12.14 -11.44
N TYR A 247 -2.45 -11.44 -11.82
CA TYR A 247 -3.43 -10.98 -10.84
C TYR A 247 -4.84 -11.28 -11.31
N ASP A 248 -5.77 -11.36 -10.36
CA ASP A 248 -7.15 -11.71 -10.65
C ASP A 248 -8.07 -10.55 -10.29
N ARG A 249 -9.35 -10.67 -10.64
CA ARG A 249 -10.27 -9.57 -10.40
C ARG A 249 -10.57 -9.34 -8.93
N LEU A 250 -10.27 -10.30 -8.05
CA LEU A 250 -10.45 -10.08 -6.62
C LEU A 250 -9.32 -9.25 -6.00
N VAL A 251 -8.35 -8.83 -6.79
CA VAL A 251 -7.31 -7.90 -6.35
C VAL A 251 -7.80 -6.49 -6.65
N SER A 252 -7.86 -5.64 -5.64
CA SER A 252 -8.46 -4.32 -5.80
C SER A 252 -7.57 -3.40 -6.63
N ASP A 253 -8.21 -2.40 -7.25
CA ASP A 253 -7.48 -1.40 -8.02
C ASP A 253 -6.44 -0.70 -7.17
N ASP A 254 -6.77 -0.39 -5.90
CA ASP A 254 -5.83 0.31 -5.03
C ASP A 254 -4.58 -0.55 -4.82
N ILE A 255 -4.76 -1.86 -4.74
CA ILE A 255 -3.59 -2.71 -4.51
C ILE A 255 -2.74 -2.80 -5.78
N MET A 256 -3.39 -2.92 -6.94
CA MET A 256 -2.64 -2.95 -8.19
C MET A 256 -1.80 -1.67 -8.39
N ASN A 257 -2.26 -0.52 -7.89
CA ASN A 257 -1.44 0.67 -8.06
CA ASN A 257 -1.47 0.69 -8.01
C ASN A 257 -0.16 0.60 -7.23
N LEU A 258 -0.06 -0.33 -6.28
CA LEU A 258 1.15 -0.50 -5.47
C LEU A 258 2.19 -1.39 -6.13
N VAL A 259 1.86 -1.98 -7.27
CA VAL A 259 2.80 -2.82 -8.00
C VAL A 259 3.90 -1.93 -8.58
N ARG A 260 5.14 -2.45 -8.56
CA ARG A 260 6.25 -1.82 -9.28
C ARG A 260 5.75 -1.26 -10.60
N ARG A 261 5.92 0.04 -10.81
CA ARG A 261 5.25 0.67 -11.95
CA ARG A 261 5.24 0.66 -11.95
C ARG A 261 5.75 0.15 -13.29
N ASP A 262 6.98 -0.35 -13.36
CA ASP A 262 7.48 -0.87 -14.63
C ASP A 262 7.25 -2.36 -14.80
N ALA A 263 6.56 -3.01 -13.86
CA ALA A 263 6.34 -4.44 -13.99
C ALA A 263 5.29 -4.72 -15.07
N ASP A 264 5.48 -5.81 -15.79
CA ASP A 264 4.44 -6.31 -16.67
C ASP A 264 3.31 -6.92 -15.85
N ARG A 265 2.08 -6.77 -16.33
CA ARG A 265 0.90 -7.22 -15.62
CA ARG A 265 0.90 -7.22 -15.62
C ARG A 265 0.12 -8.18 -16.50
N VAL A 266 -0.30 -9.31 -15.94
CA VAL A 266 -1.07 -10.32 -16.67
C VAL A 266 -2.34 -10.63 -15.90
N PHE A 267 -3.49 -10.38 -16.52
CA PHE A 267 -4.78 -10.61 -15.89
C PHE A 267 -5.30 -12.00 -16.23
N VAL A 268 -5.90 -12.65 -15.24
CA VAL A 268 -6.46 -14.00 -15.40
C VAL A 268 -7.86 -14.00 -14.81
N GLY A 269 -8.70 -14.89 -15.32
CA GLY A 269 -10.05 -15.03 -14.79
C GLY A 269 -11.18 -14.51 -15.68
N LYS A 270 -11.73 -13.34 -15.33
CA LYS A 270 -12.87 -12.77 -16.05
C LYS A 270 -12.58 -11.36 -16.56
N VAL A 277 -10.15 -17.84 -17.62
CA VAL A 277 -8.89 -18.52 -17.85
C VAL A 277 -8.76 -19.73 -16.92
N PRO A 278 -8.46 -20.89 -17.50
CA PRO A 278 -8.39 -22.12 -16.69
C PRO A 278 -7.10 -22.23 -15.88
N GLN A 279 -7.23 -22.89 -14.72
CA GLN A 279 -6.14 -22.90 -13.73
C GLN A 279 -4.86 -23.52 -14.30
N GLU A 280 -4.98 -24.53 -15.15
CA GLU A 280 -3.78 -25.13 -15.72
C GLU A 280 -2.98 -24.12 -16.54
N GLU A 281 -3.65 -23.18 -17.21
CA GLU A 281 -2.92 -22.18 -17.97
C GLU A 281 -2.26 -21.16 -17.05
N ILE A 282 -2.86 -20.87 -15.90
CA ILE A 282 -2.22 -20.01 -14.92
C ILE A 282 -0.92 -20.66 -14.43
N ASN A 283 -0.99 -21.95 -14.08
CA ASN A 283 0.19 -22.67 -13.62
C ASN A 283 1.32 -22.59 -14.64
N GLN A 284 0.99 -22.78 -15.93
CA GLN A 284 2.01 -22.73 -16.98
C GLN A 284 2.64 -21.36 -17.09
N ILE A 285 1.82 -20.30 -17.02
CA ILE A 285 2.34 -18.94 -17.07
C ILE A 285 3.38 -18.72 -15.98
N LEU A 286 3.01 -19.05 -14.73
CA LEU A 286 3.93 -18.86 -13.62
C LEU A 286 5.22 -19.64 -13.84
N LEU A 287 5.10 -20.93 -14.21
CA LEU A 287 6.26 -21.78 -14.44
C LEU A 287 7.12 -21.25 -15.58
N ARG A 288 6.49 -21.03 -16.75
CA ARG A 288 7.24 -20.56 -17.91
C ARG A 288 7.89 -19.22 -17.66
N GLU A 289 7.19 -18.28 -17.02
CA GLU A 289 7.79 -16.97 -16.79
C GLU A 289 8.96 -17.05 -15.82
N ALA A 290 8.90 -17.96 -14.84
CA ALA A 290 10.02 -18.16 -13.93
C ALA A 290 11.15 -18.95 -14.58
N GLN A 291 10.82 -19.86 -15.51
N GLN A 291 10.84 -19.85 -15.51
CA GLN A 291 11.87 -20.54 -16.28
CA GLN A 291 11.90 -20.52 -16.26
C GLN A 291 12.74 -19.53 -17.02
C GLN A 291 12.72 -19.56 -17.09
N LYS A 292 12.17 -18.39 -17.42
CA LYS A 292 12.90 -17.34 -18.11
C LYS A 292 13.77 -16.51 -17.17
N GLY A 293 13.90 -16.91 -15.91
CA GLY A 293 14.67 -16.17 -14.94
C GLY A 293 13.95 -14.98 -14.34
N LYS A 294 12.67 -14.79 -14.64
CA LYS A 294 11.93 -13.64 -14.17
C LYS A 294 11.42 -13.88 -12.75
N ARG A 295 11.26 -12.77 -12.01
CA ARG A 295 10.74 -12.79 -10.65
C ARG A 295 9.23 -12.56 -10.74
N VAL A 296 8.47 -13.64 -10.60
CA VAL A 296 7.03 -13.65 -10.80
C VAL A 296 6.34 -13.53 -9.46
N VAL A 297 5.32 -12.66 -9.38
CA VAL A 297 4.40 -12.63 -8.25
C VAL A 297 3.01 -12.99 -8.74
N ARG A 298 2.42 -14.01 -8.11
CA ARG A 298 1.01 -14.32 -8.31
C ARG A 298 0.25 -13.59 -7.22
N LEU A 299 -0.44 -12.52 -7.57
CA LEU A 299 -1.10 -11.67 -6.59
C LEU A 299 -2.56 -12.11 -6.50
N LYS A 300 -2.98 -12.54 -5.32
CA LYS A 300 -4.27 -13.22 -5.16
C LYS A 300 -5.14 -12.50 -4.15
N GLY A 301 -6.45 -12.49 -4.40
CA GLY A 301 -7.37 -11.91 -3.42
C GLY A 301 -7.29 -12.64 -2.08
N GLY A 302 -7.39 -11.88 -1.00
CA GLY A 302 -7.40 -12.51 0.33
C GLY A 302 -6.07 -13.18 0.67
N ASP A 303 -6.13 -14.45 1.12
CA ASP A 303 -5.00 -15.30 1.47
C ASP A 303 -4.78 -16.39 0.41
N PRO A 304 -3.53 -16.68 0.02
CA PRO A 304 -3.30 -17.59 -1.12
C PRO A 304 -3.68 -19.04 -0.84
N PHE A 305 -3.71 -19.46 0.42
CA PHE A 305 -3.93 -20.86 0.75
C PHE A 305 -5.31 -21.13 1.35
N ILE A 306 -6.26 -20.20 1.23
CA ILE A 306 -7.63 -20.44 1.67
C ILE A 306 -8.53 -20.27 0.45
N PHE A 307 -8.95 -21.39 -0.16
CA PHE A 307 -9.81 -21.42 -1.35
C PHE A 307 -9.22 -20.57 -2.48
N GLY A 308 -7.90 -20.51 -2.57
CA GLY A 308 -7.26 -19.72 -3.59
C GLY A 308 -6.56 -20.54 -4.67
N ARG A 309 -6.57 -21.86 -4.54
CA ARG A 309 -5.83 -22.78 -5.41
C ARG A 309 -4.33 -22.50 -5.41
N GLY A 310 -3.82 -21.84 -4.36
CA GLY A 310 -2.40 -21.54 -4.30
C GLY A 310 -1.54 -22.79 -4.32
N GLY A 311 -1.99 -23.86 -3.65
CA GLY A 311 -1.25 -25.11 -3.68
C GLY A 311 -1.07 -25.66 -5.08
N GLU A 312 -2.11 -25.57 -5.92
CA GLU A 312 -1.99 -26.05 -7.29
C GLU A 312 -0.91 -25.29 -8.05
N GLU A 313 -0.80 -23.98 -7.79
CA GLU A 313 0.12 -23.13 -8.52
C GLU A 313 1.58 -23.36 -8.15
N LEU A 314 1.86 -24.02 -7.01
CA LEU A 314 3.23 -24.30 -6.59
C LEU A 314 3.63 -25.76 -6.74
N GLU A 315 2.68 -26.68 -6.87
CA GLU A 315 2.97 -28.10 -6.69
C GLU A 315 3.90 -28.70 -7.74
N THR A 316 4.15 -28.01 -8.87
CA THR A 316 5.12 -28.49 -9.84
C THR A 316 6.49 -27.84 -9.68
N LEU A 317 6.59 -26.74 -8.93
CA LEU A 317 7.78 -25.90 -8.98
C LEU A 317 9.01 -26.55 -8.35
N CYS A 318 8.83 -27.34 -7.30
CA CYS A 318 9.98 -27.97 -6.65
C CYS A 318 10.69 -28.95 -7.59
N HIS A 319 9.92 -29.85 -8.21
N HIS A 319 9.93 -29.87 -8.20
CA HIS A 319 10.50 -30.80 -9.16
CA HIS A 319 10.54 -30.77 -9.16
C HIS A 319 10.89 -30.15 -10.49
C HIS A 319 11.17 -30.01 -10.31
N ALA A 320 10.60 -28.86 -10.68
CA ALA A 320 11.08 -28.10 -11.83
C ALA A 320 12.25 -27.18 -11.48
N GLY A 321 12.73 -27.23 -10.24
CA GLY A 321 13.86 -26.40 -9.83
C GLY A 321 13.59 -24.92 -9.78
N ILE A 322 12.36 -24.52 -9.49
CA ILE A 322 11.96 -23.12 -9.47
C ILE A 322 11.75 -22.71 -8.01
N PRO A 323 12.52 -21.76 -7.48
CA PRO A 323 12.30 -21.30 -6.11
C PRO A 323 10.97 -20.59 -5.97
N PHE A 324 10.33 -20.79 -4.81
CA PHE A 324 9.04 -20.17 -4.56
C PHE A 324 8.91 -19.86 -3.08
N SER A 325 7.92 -19.03 -2.77
CA SER A 325 7.58 -18.68 -1.40
C SER A 325 6.16 -18.15 -1.38
N VAL A 326 5.63 -17.95 -0.17
CA VAL A 326 4.23 -17.58 0.02
C VAL A 326 4.17 -16.46 1.05
N VAL A 327 3.53 -15.35 0.70
CA VAL A 327 3.23 -14.29 1.64
C VAL A 327 1.74 -14.40 1.97
N PRO A 328 1.37 -14.76 3.19
CA PRO A 328 -0.07 -14.87 3.50
C PRO A 328 -0.72 -13.51 3.47
N GLY A 329 -2.05 -13.51 3.33
CA GLY A 329 -2.81 -12.28 3.31
C GLY A 329 -3.97 -12.36 4.29
N ILE A 330 -4.61 -11.21 4.49
CA ILE A 330 -5.83 -11.16 5.26
C ILE A 330 -6.94 -11.86 4.48
N THR A 331 -7.46 -12.96 5.01
CA THR A 331 -8.52 -13.66 4.29
C THR A 331 -9.83 -12.89 4.41
N ALA A 332 -10.74 -13.16 3.47
CA ALA A 332 -12.01 -12.44 3.48
C ALA A 332 -12.70 -12.55 4.84
N ALA A 333 -12.67 -13.74 5.44
CA ALA A 333 -13.31 -13.93 6.75
C ALA A 333 -12.80 -12.93 7.78
N SER A 334 -11.48 -12.79 7.90
CA SER A 334 -10.93 -11.86 8.88
C SER A 334 -11.26 -10.41 8.55
N GLY A 335 -11.07 -9.99 7.30
CA GLY A 335 -11.33 -8.60 6.96
C GLY A 335 -12.79 -8.24 7.10
N CYS A 336 -13.68 -9.11 6.61
CA CYS A 336 -15.12 -8.82 6.70
C CYS A 336 -15.61 -8.79 8.13
N SER A 337 -15.13 -9.73 8.94
CA SER A 337 -15.38 -9.74 10.38
C SER A 337 -15.04 -8.41 11.01
N ALA A 338 -13.77 -8.00 10.89
CA ALA A 338 -13.33 -6.75 11.50
C ALA A 338 -14.16 -5.58 11.02
N TYR A 339 -14.36 -5.47 9.70
CA TYR A 339 -14.94 -4.25 9.14
C TYR A 339 -16.47 -4.23 9.21
N SER A 340 -17.10 -5.31 9.60
CA SER A 340 -18.55 -5.33 9.80
C SER A 340 -18.93 -5.30 11.27
N GLY A 341 -17.96 -5.35 12.18
CA GLY A 341 -18.28 -5.36 13.60
C GLY A 341 -18.70 -6.71 14.10
N ILE A 342 -18.30 -7.78 13.42
CA ILE A 342 -18.73 -9.15 13.77
C ILE A 342 -17.48 -9.97 14.04
N PRO A 343 -17.03 -10.06 15.29
CA PRO A 343 -15.87 -10.90 15.58
C PRO A 343 -16.20 -12.36 15.30
N LEU A 344 -15.22 -13.09 14.77
CA LEU A 344 -15.47 -14.48 14.42
C LEU A 344 -15.60 -15.35 15.68
N THR A 345 -14.94 -14.96 16.78
CA THR A 345 -15.08 -15.62 18.06
C THR A 345 -15.31 -14.54 19.11
N HIS A 346 -15.97 -14.93 20.20
CA HIS A 346 -16.25 -14.03 21.31
C HIS A 346 -16.78 -14.84 22.48
N ARG A 347 -16.22 -14.63 23.68
CA ARG A 347 -16.65 -15.34 24.87
C ARG A 347 -16.86 -16.81 24.56
N ASP A 348 -17.98 -17.37 25.01
CA ASP A 348 -18.35 -18.73 24.69
C ASP A 348 -19.30 -18.83 23.49
N TYR A 349 -19.42 -17.76 22.69
CA TYR A 349 -20.29 -17.80 21.52
C TYR A 349 -19.93 -18.94 20.59
N ALA A 350 -18.64 -19.07 20.26
CA ALA A 350 -18.20 -20.01 19.25
C ALA A 350 -16.96 -20.75 19.75
N GLN A 351 -17.10 -22.08 19.86
CA GLN A 351 -15.93 -22.94 20.03
C GLN A 351 -15.02 -22.87 18.81
N SER A 352 -15.58 -22.70 17.62
CA SER A 352 -14.78 -22.79 16.43
C SER A 352 -15.35 -21.90 15.32
N VAL A 353 -14.49 -21.59 14.36
CA VAL A 353 -14.85 -20.89 13.13
C VAL A 353 -14.71 -21.88 12.00
N ARG A 354 -15.71 -21.96 11.13
CA ARG A 354 -15.66 -22.83 9.97
CA ARG A 354 -15.70 -22.84 9.96
C ARG A 354 -15.64 -21.99 8.70
N LEU A 355 -14.58 -22.13 7.93
CA LEU A 355 -14.47 -21.44 6.65
C LEU A 355 -14.90 -22.47 5.60
N VAL A 356 -16.04 -22.24 4.95
CA VAL A 356 -16.69 -23.23 4.11
C VAL A 356 -16.81 -22.70 2.68
N THR A 357 -16.64 -23.59 1.70
CA THR A 357 -16.94 -23.20 0.32
C THR A 357 -18.41 -23.47 0.02
N GLY A 358 -19.10 -22.45 -0.48
CA GLY A 358 -20.47 -22.63 -0.92
C GLY A 358 -20.61 -23.16 -2.35
N HIS A 359 -19.51 -23.23 -3.08
CA HIS A 359 -19.47 -23.67 -4.48
C HIS A 359 -18.66 -24.95 -4.54
N LEU A 360 -19.35 -26.08 -4.52
CA LEU A 360 -18.70 -27.38 -4.39
C LEU A 360 -18.72 -28.15 -5.70
N LYS A 361 -17.89 -29.18 -5.77
CA LYS A 361 -17.76 -30.02 -6.95
C LYS A 361 -19.13 -30.57 -7.37
N THR A 362 -19.27 -30.80 -8.68
CA THR A 362 -20.54 -31.13 -9.34
C THR A 362 -21.43 -32.07 -8.53
N GLY A 363 -20.89 -33.20 -8.08
CA GLY A 363 -21.66 -34.17 -7.33
C GLY A 363 -21.52 -34.03 -5.83
N GLY A 364 -20.58 -33.20 -5.39
CA GLY A 364 -20.34 -33.05 -3.97
C GLY A 364 -21.50 -32.39 -3.25
N GLU A 365 -21.62 -32.72 -1.96
CA GLU A 365 -22.59 -32.07 -1.09
C GLU A 365 -21.93 -31.79 0.25
N LEU A 366 -22.17 -30.58 0.77
CA LEU A 366 -21.66 -30.21 2.09
C LEU A 366 -22.27 -31.08 3.17
N ASP A 367 -21.57 -31.16 4.30
CA ASP A 367 -21.96 -32.05 5.40
C ASP A 367 -22.84 -31.25 6.36
N TRP A 368 -24.13 -31.19 6.05
CA TRP A 368 -25.00 -30.23 6.71
C TRP A 368 -25.18 -30.56 8.19
N GLU A 369 -25.27 -31.85 8.55
CA GLU A 369 -25.38 -32.20 9.96
C GLU A 369 -24.20 -31.63 10.74
N ASN A 370 -23.02 -31.63 10.14
CA ASN A 370 -21.85 -31.09 10.82
CA ASN A 370 -21.80 -31.09 10.75
C ASN A 370 -21.86 -29.57 10.84
N LEU A 371 -22.28 -28.92 9.75
CA LEU A 371 -22.28 -27.46 9.72
C LEU A 371 -23.31 -26.86 10.67
N ALA A 372 -24.42 -27.56 10.92
CA ALA A 372 -25.51 -26.98 11.69
C ALA A 372 -25.29 -27.04 13.21
N ALA A 373 -24.20 -27.66 13.67
CA ALA A 373 -23.97 -27.81 15.10
C ALA A 373 -23.80 -26.46 15.79
N GLU A 374 -24.19 -26.40 17.06
CA GLU A 374 -24.15 -25.17 17.84
C GLU A 374 -22.72 -24.76 18.16
N LYS A 375 -22.58 -23.52 18.63
CA LYS A 375 -21.34 -23.00 19.21
C LYS A 375 -20.26 -22.83 18.15
N GLN A 376 -20.65 -22.41 16.96
CA GLN A 376 -19.66 -22.10 15.94
C GLN A 376 -20.13 -20.94 15.08
N THR A 377 -19.14 -20.30 14.46
CA THR A 377 -19.36 -19.24 13.49
C THR A 377 -19.07 -19.85 12.12
N LEU A 378 -20.06 -19.81 11.23
CA LEU A 378 -19.92 -20.34 9.87
C LEU A 378 -19.67 -19.17 8.92
N VAL A 379 -18.70 -19.34 8.05
CA VAL A 379 -18.37 -18.32 7.06
C VAL A 379 -18.37 -19.01 5.70
N PHE A 380 -19.35 -18.70 4.86
CA PHE A 380 -19.40 -19.28 3.53
C PHE A 380 -18.73 -18.35 2.53
N TYR A 381 -17.73 -18.88 1.83
CA TYR A 381 -17.13 -18.27 0.65
C TYR A 381 -17.84 -18.77 -0.60
N MET A 382 -18.00 -17.88 -1.59
CA MET A 382 -18.55 -18.25 -2.92
C MET A 382 -19.93 -18.91 -2.78
N GLY A 383 -20.75 -18.38 -1.88
CA GLY A 383 -22.00 -19.06 -1.56
C GLY A 383 -23.28 -18.33 -1.91
N LEU A 384 -23.16 -17.18 -2.59
CA LEU A 384 -24.35 -16.37 -2.90
CA LEU A 384 -24.34 -16.37 -2.90
C LEU A 384 -25.40 -17.16 -3.64
N ASN A 385 -24.98 -17.87 -4.70
CA ASN A 385 -25.92 -18.63 -5.52
C ASN A 385 -26.64 -19.72 -4.75
N GLN A 386 -26.06 -20.19 -3.65
CA GLN A 386 -26.60 -21.32 -2.92
C GLN A 386 -27.25 -20.89 -1.60
N ALA A 387 -27.44 -19.59 -1.39
CA ALA A 387 -27.92 -19.11 -0.10
C ALA A 387 -29.29 -19.70 0.25
N ALA A 388 -30.15 -19.90 -0.76
CA ALA A 388 -31.45 -20.51 -0.51
C ALA A 388 -31.30 -21.94 -0.02
N THR A 389 -30.39 -22.71 -0.65
CA THR A 389 -30.13 -24.07 -0.21
C THR A 389 -29.48 -24.09 1.16
N ILE A 390 -28.54 -23.18 1.40
CA ILE A 390 -27.90 -23.09 2.71
C ILE A 390 -28.94 -22.88 3.80
N GLN A 391 -29.87 -21.95 3.57
CA GLN A 391 -30.93 -21.72 4.57
C GLN A 391 -31.75 -22.98 4.80
N GLU A 392 -32.20 -23.63 3.73
CA GLU A 392 -33.07 -24.80 3.88
C GLU A 392 -32.34 -25.96 4.56
N LYS A 393 -31.07 -26.16 4.21
CA LYS A 393 -30.33 -27.28 4.76
C LYS A 393 -29.98 -27.07 6.24
N LEU A 394 -29.55 -25.85 6.60
CA LEU A 394 -29.20 -25.62 8.00
C LEU A 394 -30.43 -25.75 8.91
N ILE A 395 -31.58 -25.26 8.45
CA ILE A 395 -32.82 -25.43 9.21
C ILE A 395 -33.18 -26.92 9.33
N ALA A 396 -33.05 -27.65 8.22
CA ALA A 396 -33.45 -29.05 8.22
C ALA A 396 -32.57 -29.88 9.15
N PHE A 397 -31.31 -29.48 9.35
CA PHE A 397 -30.41 -30.21 10.23
C PHE A 397 -30.27 -29.58 11.61
N GLY A 398 -31.22 -28.74 12.01
CA GLY A 398 -31.42 -28.38 13.40
C GLY A 398 -30.99 -26.99 13.81
N MET A 399 -30.44 -26.17 12.93
CA MET A 399 -30.10 -24.81 13.35
C MET A 399 -31.37 -24.02 13.66
N GLN A 400 -31.34 -23.27 14.76
CA GLN A 400 -32.49 -22.46 15.15
C GLN A 400 -32.83 -21.44 14.06
N ALA A 401 -34.13 -21.24 13.86
CA ALA A 401 -34.61 -20.36 12.80
C ALA A 401 -34.25 -18.90 13.04
N ASP A 402 -34.11 -18.48 14.30
CA ASP A 402 -33.76 -17.11 14.62
C ASP A 402 -32.24 -16.89 14.72
N MET A 403 -31.42 -17.83 14.26
CA MET A 403 -29.98 -17.64 14.26
C MET A 403 -29.64 -16.42 13.41
N PRO A 404 -28.84 -15.48 13.93
CA PRO A 404 -28.50 -14.31 13.11
C PRO A 404 -27.55 -14.63 11.96
N VAL A 405 -27.77 -13.93 10.86
CA VAL A 405 -26.93 -14.07 9.67
C VAL A 405 -26.58 -12.67 9.17
N ALA A 406 -25.44 -12.56 8.49
CA ALA A 406 -25.04 -11.33 7.84
C ALA A 406 -24.39 -11.66 6.51
N LEU A 407 -24.55 -10.76 5.55
CA LEU A 407 -23.84 -10.84 4.30
C LEU A 407 -23.01 -9.57 4.13
N VAL A 408 -21.73 -9.74 3.84
CA VAL A 408 -20.82 -8.60 3.66
C VAL A 408 -20.40 -8.57 2.19
N GLU A 409 -20.79 -7.50 1.50
CA GLU A 409 -20.48 -7.32 0.10
C GLU A 409 -19.31 -6.34 -0.04
N ASN A 410 -18.30 -6.73 -0.81
CA ASN A 410 -17.11 -5.90 -1.00
C ASN A 410 -16.53 -5.47 0.35
N GLY A 411 -16.30 -6.46 1.20
CA GLY A 411 -15.80 -6.20 2.55
C GLY A 411 -14.48 -5.46 2.52
N THR A 412 -14.35 -4.50 3.46
CA THR A 412 -13.20 -3.61 3.65
C THR A 412 -13.04 -2.54 2.58
N SER A 413 -13.83 -2.56 1.50
CA SER A 413 -13.71 -1.46 0.56
C SER A 413 -14.60 -0.27 0.98
N VAL A 414 -14.30 0.88 0.39
CA VAL A 414 -15.15 2.06 0.61
C VAL A 414 -16.57 1.78 0.13
N LYS A 415 -16.78 0.76 -0.70
CA LYS A 415 -18.10 0.38 -1.18
C LYS A 415 -18.74 -0.71 -0.35
N GLN A 416 -18.15 -1.09 0.78
CA GLN A 416 -18.70 -2.20 1.55
C GLN A 416 -20.17 -1.96 1.89
N ARG A 417 -20.95 -3.04 1.82
CA ARG A 417 -22.34 -3.05 2.26
C ARG A 417 -22.54 -4.30 3.10
N VAL A 418 -23.33 -4.15 4.16
CA VAL A 418 -23.64 -5.23 5.08
C VAL A 418 -25.15 -5.28 5.25
N VAL A 419 -25.73 -6.47 5.05
CA VAL A 419 -27.14 -6.68 5.31
C VAL A 419 -27.24 -7.83 6.30
N HIS A 420 -28.29 -7.84 7.10
CA HIS A 420 -28.35 -8.83 8.15
C HIS A 420 -29.79 -9.12 8.53
N GLY A 421 -29.96 -10.23 9.23
CA GLY A 421 -31.27 -10.66 9.69
C GLY A 421 -31.12 -11.98 10.41
N VAL A 422 -32.08 -12.89 10.24
CA VAL A 422 -32.01 -14.21 10.84
C VAL A 422 -32.05 -15.27 9.75
N LEU A 423 -31.79 -16.52 10.15
CA LEU A 423 -31.55 -17.60 9.19
C LEU A 423 -32.72 -17.74 8.21
N THR A 424 -33.96 -17.53 8.65
CA THR A 424 -35.08 -17.70 7.74
C THR A 424 -35.16 -16.61 6.68
N GLN A 425 -34.31 -15.60 6.76
CA GLN A 425 -34.24 -14.55 5.75
C GLN A 425 -33.05 -14.69 4.82
N LEU A 426 -32.21 -15.72 5.03
CA LEU A 426 -30.93 -15.80 4.32
C LEU A 426 -31.11 -15.73 2.81
N GLY A 427 -32.03 -16.51 2.26
CA GLY A 427 -32.28 -16.48 0.83
C GLY A 427 -32.70 -15.10 0.34
N GLU A 428 -33.62 -14.45 1.06
CA GLU A 428 -34.04 -13.09 0.69
C GLU A 428 -32.89 -12.11 0.79
N LEU A 429 -32.11 -12.17 1.89
CA LEU A 429 -31.03 -11.22 2.08
C LEU A 429 -29.99 -11.33 0.98
N ALA A 430 -29.71 -12.56 0.52
CA ALA A 430 -28.71 -12.75 -0.52
C ALA A 430 -29.10 -12.11 -1.84
N GLN A 431 -30.40 -11.86 -2.06
CA GLN A 431 -30.84 -11.15 -3.27
C GLN A 431 -30.43 -9.69 -3.28
N GLN A 432 -30.07 -9.14 -2.11
CA GLN A 432 -29.79 -7.73 -1.94
C GLN A 432 -28.31 -7.39 -2.14
N VAL A 433 -27.47 -8.38 -2.39
CA VAL A 433 -26.04 -8.17 -2.60
C VAL A 433 -25.60 -8.93 -3.84
N GLU A 434 -24.39 -8.64 -4.29
CA GLU A 434 -23.78 -9.36 -5.41
C GLU A 434 -22.34 -9.70 -5.03
N SER A 435 -21.68 -10.49 -5.90
CA SER A 435 -20.32 -10.90 -5.66
C SER A 435 -19.37 -9.72 -5.78
N PRO A 436 -18.28 -9.70 -4.97
CA PRO A 436 -17.93 -10.73 -3.99
C PRO A 436 -18.63 -10.52 -2.65
N ALA A 437 -19.19 -11.59 -2.08
CA ALA A 437 -19.87 -11.45 -0.81
C ALA A 437 -19.62 -12.66 0.06
N LEU A 438 -19.59 -12.43 1.36
CA LEU A 438 -19.39 -13.45 2.37
C LEU A 438 -20.69 -13.61 3.14
N ILE A 439 -21.01 -14.85 3.54
CA ILE A 439 -22.15 -15.13 4.40
C ILE A 439 -21.59 -15.54 5.76
N ILE A 440 -22.00 -14.83 6.82
CA ILE A 440 -21.63 -15.18 8.19
C ILE A 440 -22.88 -15.66 8.92
N VAL A 441 -22.80 -16.83 9.55
CA VAL A 441 -23.91 -17.39 10.31
C VAL A 441 -23.42 -17.70 11.72
N GLY A 442 -24.11 -17.16 12.73
CA GLY A 442 -23.74 -17.47 14.10
C GLY A 442 -24.13 -16.36 15.06
N ARG A 443 -24.14 -16.68 16.35
CA ARG A 443 -24.59 -15.74 17.36
C ARG A 443 -23.74 -14.46 17.39
N VAL A 444 -22.49 -14.51 16.91
CA VAL A 444 -21.63 -13.32 16.94
C VAL A 444 -22.16 -12.19 16.07
N VAL A 445 -23.00 -12.50 15.07
CA VAL A 445 -23.59 -11.46 14.22
C VAL A 445 -24.32 -10.41 15.06
N ALA A 446 -24.94 -10.82 16.18
CA ALA A 446 -25.67 -9.86 17.01
C ALA A 446 -24.78 -8.79 17.61
N LEU A 447 -23.47 -9.02 17.68
CA LEU A 447 -22.55 -8.06 18.29
C LEU A 447 -22.31 -6.83 17.42
N ARG A 448 -22.76 -6.87 16.17
CA ARG A 448 -22.53 -5.76 15.25
C ARG A 448 -23.09 -4.45 15.80
N ASP A 449 -24.22 -4.51 16.53
CA ASP A 449 -24.80 -3.30 17.09
C ASP A 449 -23.84 -2.58 18.03
N LYS A 450 -22.95 -3.33 18.69
CA LYS A 450 -22.01 -2.75 19.65
C LYS A 450 -20.63 -2.51 19.08
N LEU A 451 -20.24 -3.26 18.05
CA LEU A 451 -18.87 -3.27 17.59
C LEU A 451 -18.65 -2.65 16.21
N ASN A 452 -19.72 -2.21 15.53
CA ASN A 452 -19.57 -1.67 14.18
C ASN A 452 -18.89 -0.31 14.24
N TRP A 453 -17.76 -0.18 13.54
CA TRP A 453 -16.97 1.05 13.58
C TRP A 453 -16.62 1.60 12.21
N PHE A 454 -16.72 0.80 11.15
CA PHE A 454 -16.13 1.15 9.86
C PHE A 454 -17.07 2.01 9.04
N SER A 455 -18.34 1.64 8.95
CA SER A 455 -19.30 2.47 8.25
C SER A 455 -20.69 1.90 8.44
N ASN A 456 -21.68 2.77 8.34
CA ASN A 456 -23.05 2.35 8.16
C ASN A 456 -23.43 2.23 6.69
N HIS A 457 -22.44 2.42 5.80
CA HIS A 457 -22.44 2.37 4.32
C HIS A 457 -22.41 3.78 3.69
N MET B 1 21.29 22.82 -6.66
CA MET B 1 20.71 21.57 -7.17
C MET B 1 20.87 21.46 -8.67
N ASP B 2 20.66 20.27 -9.21
CA ASP B 2 20.83 20.04 -10.63
C ASP B 2 19.52 19.91 -11.40
N HIS B 3 18.40 19.66 -10.73
CA HIS B 3 17.08 19.72 -11.34
C HIS B 3 16.13 20.44 -10.40
N LEU B 4 15.21 21.22 -10.95
CA LEU B 4 14.21 21.89 -10.13
C LEU B 4 12.90 21.12 -10.17
N PRO B 5 12.39 20.60 -9.06
CA PRO B 5 11.09 19.92 -9.10
C PRO B 5 9.97 20.94 -9.20
N ILE B 6 9.06 20.72 -10.14
CA ILE B 6 7.82 21.49 -10.21
C ILE B 6 6.68 20.50 -10.33
N PHE B 7 5.50 20.93 -9.86
CA PHE B 7 4.31 20.10 -9.90
C PHE B 7 3.40 20.73 -10.96
N CYS B 8 3.32 20.09 -12.12
CA CYS B 8 2.62 20.63 -13.28
C CYS B 8 1.13 20.36 -13.24
N GLN B 9 0.34 21.37 -13.58
CA GLN B 9 -1.09 21.21 -13.81
C GLN B 9 -1.31 20.86 -15.27
N LEU B 10 -1.62 19.60 -15.55
CA LEU B 10 -1.77 19.12 -16.91
C LEU B 10 -3.22 18.97 -17.37
N ARG B 11 -4.20 19.23 -16.50
N ARG B 11 -4.20 19.23 -16.50
CA ARG B 11 -5.60 19.04 -16.86
CA ARG B 11 -5.60 18.99 -16.86
C ARG B 11 -5.95 19.78 -18.14
C ARG B 11 -5.99 19.76 -18.11
N ASP B 12 -6.37 19.02 -19.15
CA ASP B 12 -6.79 19.56 -20.45
C ASP B 12 -5.68 20.35 -21.16
N ARG B 13 -4.41 20.08 -20.84
CA ARG B 13 -3.28 20.65 -21.56
C ARG B 13 -2.72 19.62 -22.55
N ASP B 14 -2.44 20.09 -23.77
CA ASP B 14 -1.94 19.21 -24.83
C ASP B 14 -0.55 18.69 -24.48
N CYS B 15 -0.41 17.37 -24.47
CA CYS B 15 0.88 16.70 -24.29
C CYS B 15 1.02 15.65 -25.38
N LEU B 16 2.26 15.35 -25.73
CA LEU B 16 2.58 14.39 -26.78
C LEU B 16 3.47 13.30 -26.24
N ILE B 17 3.13 12.04 -26.55
CA ILE B 17 4.02 10.90 -26.35
C ILE B 17 4.35 10.33 -27.72
N VAL B 18 5.62 10.08 -27.97
CA VAL B 18 6.07 9.47 -29.22
C VAL B 18 6.52 8.05 -28.88
N GLY B 19 5.87 7.06 -29.46
CA GLY B 19 6.11 5.66 -29.13
C GLY B 19 4.78 5.00 -28.82
N GLY B 20 4.73 3.69 -29.02
CA GLY B 20 3.46 2.99 -28.96
C GLY B 20 3.54 1.62 -28.34
N GLY B 21 4.64 1.33 -27.65
CA GLY B 21 4.87 0.05 -27.02
C GLY B 21 4.63 0.08 -25.52
N ASP B 22 5.18 -0.93 -24.84
CA ASP B 22 5.04 -1.03 -23.39
C ASP B 22 5.52 0.22 -22.68
N VAL B 23 6.69 0.73 -23.09
CA VAL B 23 7.26 1.89 -22.40
C VAL B 23 6.35 3.09 -22.53
N ALA B 24 5.84 3.34 -23.75
CA ALA B 24 4.95 4.47 -23.96
C ALA B 24 3.66 4.29 -23.19
N GLU B 25 3.16 3.06 -23.11
CA GLU B 25 1.90 2.81 -22.41
C GLU B 25 2.00 3.21 -20.93
N ARG B 26 3.15 2.97 -20.30
CA ARG B 26 3.31 3.32 -18.90
C ARG B 26 3.28 4.84 -18.70
N LYS B 27 3.96 5.57 -19.60
CA LYS B 27 3.94 7.03 -19.55
C LYS B 27 2.56 7.57 -19.86
N ALA B 28 1.86 6.98 -20.82
CA ALA B 28 0.52 7.44 -21.15
C ALA B 28 -0.42 7.25 -19.96
N ARG B 29 -0.31 6.10 -19.28
CA ARG B 29 -1.11 5.88 -18.08
C ARG B 29 -0.87 6.99 -17.05
N LEU B 30 0.38 7.42 -16.91
CA LEU B 30 0.70 8.47 -15.95
C LEU B 30 0.09 9.81 -16.38
N LEU B 31 0.27 10.19 -17.65
CA LEU B 31 -0.26 11.47 -18.11
C LEU B 31 -1.79 11.50 -18.13
N LEU B 32 -2.42 10.34 -18.41
CA LEU B 32 -3.88 10.28 -18.34
C LEU B 32 -4.39 10.50 -16.92
N GLU B 33 -3.73 9.88 -15.93
CA GLU B 33 -4.09 10.09 -14.54
C GLU B 33 -3.99 11.56 -14.16
N ALA B 34 -3.05 12.30 -14.76
CA ALA B 34 -2.91 13.73 -14.51
C ALA B 34 -3.88 14.58 -15.33
N GLY B 35 -4.72 13.97 -16.17
CA GLY B 35 -5.73 14.71 -16.91
C GLY B 35 -5.27 15.29 -18.23
N ALA B 36 -4.06 14.94 -18.70
CA ALA B 36 -3.51 15.52 -19.91
C ALA B 36 -4.43 15.29 -21.11
N ARG B 37 -4.51 16.28 -21.99
N ARG B 37 -4.48 16.28 -21.99
CA ARG B 37 -5.13 16.07 -23.29
CA ARG B 37 -5.08 16.11 -23.31
C ARG B 37 -4.03 15.46 -24.17
C ARG B 37 -4.02 15.46 -24.18
N LEU B 38 -4.02 14.14 -24.24
CA LEU B 38 -2.87 13.38 -24.74
C LEU B 38 -3.03 12.97 -26.20
N THR B 39 -1.99 13.22 -26.98
CA THR B 39 -1.80 12.64 -28.30
C THR B 39 -0.63 11.67 -28.24
N VAL B 40 -0.78 10.50 -28.86
CA VAL B 40 0.28 9.51 -28.93
C VAL B 40 0.57 9.24 -30.40
N ASN B 41 1.83 9.33 -30.78
CA ASN B 41 2.27 9.24 -32.17
C ASN B 41 3.28 8.10 -32.28
N ALA B 42 2.98 7.10 -33.11
CA ALA B 42 3.86 5.92 -33.17
C ALA B 42 3.68 5.24 -34.52
N LEU B 43 4.72 4.50 -34.93
CA LEU B 43 4.60 3.73 -36.16
C LEU B 43 3.57 2.61 -36.03
N THR B 44 3.33 2.14 -34.81
CA THR B 44 2.35 1.12 -34.50
C THR B 44 2.06 1.21 -33.00
N PHE B 45 0.90 0.68 -32.60
CA PHE B 45 0.46 0.76 -31.22
C PHE B 45 0.11 -0.62 -30.68
N ILE B 46 0.44 -0.86 -29.41
CA ILE B 46 -0.01 -2.09 -28.74
C ILE B 46 -1.50 -1.95 -28.42
N PRO B 47 -2.21 -3.05 -28.11
CA PRO B 47 -3.68 -2.95 -28.04
C PRO B 47 -4.22 -2.01 -26.97
N GLN B 48 -3.51 -1.82 -25.86
CA GLN B 48 -3.97 -0.91 -24.83
C GLN B 48 -4.27 0.48 -25.40
N PHE B 49 -3.45 0.94 -26.36
CA PHE B 49 -3.66 2.27 -26.93
C PHE B 49 -4.94 2.35 -27.74
N THR B 50 -5.27 1.31 -28.50
CA THR B 50 -6.52 1.35 -29.27
C THR B 50 -7.72 1.33 -28.33
N VAL B 51 -7.62 0.58 -27.23
CA VAL B 51 -8.68 0.56 -26.23
C VAL B 51 -8.92 1.96 -25.68
N TRP B 52 -7.85 2.61 -25.22
CA TRP B 52 -7.94 3.99 -24.78
C TRP B 52 -8.53 4.89 -25.85
N ALA B 53 -8.09 4.72 -27.11
CA ALA B 53 -8.55 5.61 -28.17
C ALA B 53 -10.05 5.44 -28.41
N ASN B 54 -10.55 4.20 -28.32
CA ASN B 54 -11.96 3.96 -28.58
C ASN B 54 -12.86 4.55 -27.51
N GLU B 55 -12.35 4.69 -26.29
CA GLU B 55 -13.07 5.29 -25.18
C GLU B 55 -12.81 6.78 -25.07
N GLY B 56 -12.37 7.42 -26.16
CA GLY B 56 -12.17 8.85 -26.21
C GLY B 56 -11.18 9.41 -25.21
N MET B 57 -10.29 8.59 -24.68
CA MET B 57 -9.38 9.07 -23.63
C MET B 57 -8.11 9.72 -24.17
N LEU B 58 -7.77 9.52 -25.45
CA LEU B 58 -6.60 10.12 -26.06
C LEU B 58 -6.76 10.04 -27.58
N THR B 59 -5.85 10.72 -28.30
CA THR B 59 -5.82 10.73 -29.76
C THR B 59 -4.58 10.01 -30.24
N LEU B 60 -4.74 9.13 -31.23
CA LEU B 60 -3.62 8.39 -31.82
C LEU B 60 -3.30 8.93 -33.20
N VAL B 61 -2.01 9.08 -33.49
CA VAL B 61 -1.53 9.47 -34.82
C VAL B 61 -0.58 8.36 -35.28
N GLU B 62 -1.07 7.47 -36.14
CA GLU B 62 -0.26 6.34 -36.59
C GLU B 62 0.63 6.80 -37.73
N GLY B 63 1.93 6.63 -37.56
CA GLY B 63 2.88 7.04 -38.57
C GLY B 63 4.16 7.61 -37.99
N PRO B 64 5.08 8.03 -38.84
CA PRO B 64 6.36 8.56 -38.37
C PRO B 64 6.17 9.83 -37.57
N PHE B 65 7.17 10.11 -36.74
CA PHE B 65 7.14 11.33 -35.93
C PHE B 65 7.00 12.57 -36.81
N ASP B 66 6.00 13.39 -36.50
CA ASP B 66 5.71 14.63 -37.19
C ASP B 66 5.87 15.75 -36.18
N GLU B 67 6.86 16.60 -36.37
CA GLU B 67 7.15 17.56 -35.31
C GLU B 67 6.10 18.65 -35.20
N THR B 68 5.21 18.80 -36.17
CA THR B 68 4.11 19.77 -36.03
C THR B 68 3.13 19.35 -34.94
N LEU B 69 3.13 18.07 -34.55
CA LEU B 69 2.32 17.63 -33.42
C LEU B 69 2.77 18.28 -32.11
N LEU B 70 3.94 18.91 -32.10
CA LEU B 70 4.40 19.64 -30.92
C LEU B 70 3.96 21.10 -30.91
N ASP B 71 3.29 21.59 -31.96
CA ASP B 71 3.11 23.02 -32.12
C ASP B 71 2.26 23.65 -31.02
N SER B 72 1.35 22.88 -30.40
CA SER B 72 0.55 23.42 -29.30
C SER B 72 0.81 22.67 -27.99
N CYS B 73 1.97 22.05 -27.89
N CYS B 73 1.96 22.02 -27.87
CA CYS B 73 2.30 21.15 -26.81
CA CYS B 73 2.21 21.06 -26.78
C CYS B 73 2.81 21.89 -25.58
C CYS B 73 2.99 21.67 -25.62
N TRP B 74 2.58 21.30 -24.41
CA TRP B 74 3.20 21.74 -23.16
C TRP B 74 4.26 20.79 -22.64
N LEU B 75 4.18 19.51 -22.96
CA LEU B 75 5.14 18.52 -22.49
C LEU B 75 5.25 17.44 -23.55
N ALA B 76 6.42 16.86 -23.68
CA ALA B 76 6.66 15.80 -24.66
C ALA B 76 7.46 14.68 -23.99
N ILE B 77 7.17 13.46 -24.39
CA ILE B 77 7.91 12.31 -23.89
C ILE B 77 8.31 11.46 -25.08
N ALA B 78 9.61 11.22 -25.25
CA ALA B 78 10.12 10.33 -26.28
C ALA B 78 10.26 8.93 -25.70
N ALA B 79 9.42 8.01 -26.18
CA ALA B 79 9.30 6.69 -25.58
C ALA B 79 9.36 5.59 -26.64
N THR B 80 10.16 5.79 -27.68
CA THR B 80 10.38 4.72 -28.66
C THR B 80 11.65 3.95 -28.32
N ASP B 81 11.85 2.85 -29.05
CA ASP B 81 13.05 2.04 -28.96
C ASP B 81 14.11 2.44 -29.98
N ASP B 82 13.95 3.60 -30.63
CA ASP B 82 14.83 4.05 -31.70
C ASP B 82 15.50 5.34 -31.25
N ASP B 83 16.82 5.28 -31.02
CA ASP B 83 17.56 6.44 -30.51
C ASP B 83 17.50 7.61 -31.47
N THR B 84 17.49 7.32 -32.78
CA THR B 84 17.41 8.38 -33.78
CA THR B 84 17.42 8.39 -33.77
C THR B 84 16.07 9.10 -33.71
N VAL B 85 14.99 8.34 -33.54
CA VAL B 85 13.68 8.97 -33.40
C VAL B 85 13.63 9.80 -32.13
N ASN B 86 14.11 9.22 -31.02
CA ASN B 86 14.04 9.93 -29.74
C ASN B 86 14.80 11.26 -29.80
N GLN B 87 15.95 11.26 -30.48
CA GLN B 87 16.74 12.49 -30.60
C GLN B 87 16.04 13.51 -31.48
N ARG B 88 15.36 13.06 -32.53
CA ARG B 88 14.56 14.00 -33.31
C ARG B 88 13.48 14.64 -32.46
N VAL B 89 12.80 13.85 -31.65
CA VAL B 89 11.77 14.39 -30.77
C VAL B 89 12.39 15.38 -29.79
N SER B 90 13.49 14.97 -29.14
CA SER B 90 14.13 15.84 -28.15
C SER B 90 14.58 17.16 -28.78
N ASP B 91 15.17 17.10 -29.98
CA ASP B 91 15.59 18.34 -30.62
C ASP B 91 14.39 19.21 -31.02
N ALA B 92 13.32 18.59 -31.52
CA ALA B 92 12.15 19.37 -31.90
C ALA B 92 11.54 20.05 -30.70
N ALA B 93 11.48 19.33 -29.57
CA ALA B 93 10.93 19.92 -28.35
C ALA B 93 11.80 21.04 -27.82
N GLU B 94 13.12 20.86 -27.86
CA GLU B 94 14.01 21.88 -27.30
C GLU B 94 13.95 23.17 -28.10
N SER B 95 13.88 23.07 -29.42
CA SER B 95 13.76 24.27 -30.24
C SER B 95 12.45 25.01 -29.98
N ARG B 96 11.45 24.32 -29.44
CA ARG B 96 10.17 24.94 -29.10
C ARG B 96 10.05 25.29 -27.61
N ARG B 97 11.10 25.07 -26.81
CA ARG B 97 11.09 25.31 -25.36
C ARG B 97 9.97 24.51 -24.68
N ILE B 98 9.82 23.26 -25.09
CA ILE B 98 8.86 22.32 -24.49
C ILE B 98 9.65 21.32 -23.66
N PHE B 99 9.38 21.28 -22.35
CA PHE B 99 10.05 20.28 -21.54
C PHE B 99 9.79 18.89 -22.07
N CYS B 100 10.86 18.10 -22.12
CA CYS B 100 10.82 16.85 -22.84
C CYS B 100 11.60 15.81 -22.06
N ASN B 101 11.04 14.61 -21.98
CA ASN B 101 11.68 13.50 -21.33
C ASN B 101 11.96 12.43 -22.36
N VAL B 102 13.14 11.83 -22.29
CA VAL B 102 13.47 10.65 -23.07
C VAL B 102 13.58 9.49 -22.09
N VAL B 103 12.64 8.53 -22.16
CA VAL B 103 12.64 7.44 -21.19
C VAL B 103 13.91 6.61 -21.35
N ASP B 104 14.48 6.18 -20.21
CA ASP B 104 15.72 5.40 -20.19
C ASP B 104 16.86 6.15 -20.87
N ALA B 105 16.85 7.48 -20.76
CA ALA B 105 17.94 8.32 -21.21
C ALA B 105 18.08 9.44 -20.20
N PRO B 106 19.30 9.73 -19.75
CA PRO B 106 19.48 10.76 -18.71
C PRO B 106 19.47 12.18 -19.26
N LYS B 107 20.39 12.47 -20.18
CA LYS B 107 20.48 13.76 -20.81
C LYS B 107 19.79 13.72 -22.18
N ALA B 108 19.88 14.84 -22.90
CA ALA B 108 19.02 15.18 -24.03
C ALA B 108 17.60 15.42 -23.54
N ALA B 109 17.35 15.04 -22.29
CA ALA B 109 16.08 15.28 -21.64
C ALA B 109 16.15 16.64 -20.95
N SER B 110 15.11 17.44 -21.12
CA SER B 110 15.01 18.65 -20.30
C SER B 110 14.22 18.40 -19.01
N PHE B 111 13.61 17.24 -18.86
CA PHE B 111 13.13 16.85 -17.54
C PHE B 111 13.25 15.35 -17.33
N ILE B 112 13.36 14.99 -16.06
CA ILE B 112 13.39 13.59 -15.68
C ILE B 112 12.19 13.27 -14.82
N MET B 113 11.78 12.00 -14.88
CA MET B 113 10.55 11.57 -14.23
C MET B 113 10.87 11.00 -12.86
N PRO B 114 10.29 11.53 -11.79
CA PRO B 114 10.54 10.97 -10.46
C PRO B 114 9.58 9.81 -10.17
N SER B 115 9.89 9.07 -9.10
N SER B 115 9.93 9.03 -9.15
CA SER B 115 8.92 8.15 -8.53
CA SER B 115 8.92 8.19 -8.54
C SER B 115 7.91 8.95 -7.72
C SER B 115 7.85 9.08 -7.93
N ILE B 116 6.64 8.56 -7.81
CA ILE B 116 5.51 9.38 -7.37
C ILE B 116 4.70 8.62 -6.34
N ILE B 117 4.38 9.29 -5.23
CA ILE B 117 3.45 8.77 -4.22
C ILE B 117 2.26 9.71 -4.25
N ASP B 118 1.10 9.18 -4.64
CA ASP B 118 -0.08 9.98 -4.96
CA ASP B 118 -0.10 9.95 -4.96
C ASP B 118 -1.08 9.89 -3.79
N ARG B 119 -1.29 11.00 -3.13
CA ARG B 119 -2.36 11.12 -2.14
C ARG B 119 -3.17 12.37 -2.46
N SER B 120 -3.48 12.55 -3.75
CA SER B 120 -3.97 13.83 -4.27
C SER B 120 -5.07 14.38 -3.38
N PRO B 121 -5.03 15.66 -3.00
CA PRO B 121 -4.11 16.73 -3.45
C PRO B 121 -2.66 16.64 -2.97
N LEU B 122 -2.40 15.85 -1.94
CA LEU B 122 -1.03 15.71 -1.45
C LEU B 122 -0.23 14.81 -2.38
N MET B 123 0.99 15.22 -2.72
CA MET B 123 1.82 14.37 -3.56
C MET B 123 3.27 14.46 -3.10
N VAL B 124 3.99 13.35 -3.27
CA VAL B 124 5.42 13.27 -2.94
C VAL B 124 6.13 12.73 -4.17
N ALA B 125 7.28 13.29 -4.49
CA ALA B 125 8.04 12.81 -5.64
C ALA B 125 9.48 12.65 -5.23
N VAL B 126 10.12 11.59 -5.73
CA VAL B 126 11.49 11.26 -5.34
C VAL B 126 12.33 11.15 -6.59
N SER B 127 13.47 11.82 -6.60
CA SER B 127 14.37 11.80 -7.75
C SER B 127 15.81 11.78 -7.25
N ALA B 128 16.66 11.01 -7.92
CA ALA B 128 18.09 11.04 -7.61
C ALA B 128 18.91 11.66 -8.74
N GLY B 129 18.29 12.51 -9.55
CA GLY B 129 19.02 13.24 -10.56
C GLY B 129 19.65 12.38 -11.63
N GLY B 130 19.09 11.20 -11.90
CA GLY B 130 19.66 10.25 -12.85
C GLY B 130 20.64 9.25 -12.26
N THR B 131 21.04 9.39 -11.00
CA THR B 131 22.06 8.53 -10.43
C THR B 131 21.54 7.19 -9.92
N SER B 132 20.23 7.09 -9.55
CA SER B 132 19.79 5.96 -8.73
C SER B 132 18.31 5.65 -8.88
N PRO B 133 17.85 5.21 -10.05
CA PRO B 133 16.41 4.89 -10.18
C PRO B 133 15.95 3.83 -9.18
N VAL B 134 16.80 2.87 -8.80
CA VAL B 134 16.36 1.87 -7.82
C VAL B 134 16.16 2.49 -6.44
N LEU B 135 17.01 3.46 -6.08
CA LEU B 135 16.84 4.14 -4.80
C LEU B 135 15.52 4.90 -4.77
N ALA B 136 15.17 5.54 -5.89
CA ALA B 136 13.87 6.22 -5.98
C ALA B 136 12.72 5.24 -5.79
N ARG B 137 12.82 4.06 -6.38
CA ARG B 137 11.78 3.04 -6.21
C ARG B 137 11.70 2.55 -4.77
N LEU B 138 12.85 2.26 -4.15
CA LEU B 138 12.85 1.80 -2.77
C LEU B 138 12.25 2.85 -1.83
N LEU B 139 12.54 4.12 -2.09
CA LEU B 139 11.94 5.16 -1.26
C LEU B 139 10.46 5.31 -1.52
N ARG B 140 10.02 5.09 -2.76
CA ARG B 140 8.58 5.08 -3.01
C ARG B 140 7.90 3.97 -2.21
N GLU B 141 8.48 2.77 -2.20
CA GLU B 141 7.93 1.67 -1.41
C GLU B 141 7.80 2.05 0.05
N LYS B 142 8.87 2.62 0.63
CA LYS B 142 8.83 3.06 2.03
C LYS B 142 7.74 4.10 2.26
N LEU B 143 7.67 5.11 1.40
CA LEU B 143 6.68 6.17 1.59
C LEU B 143 5.26 5.65 1.37
N GLU B 144 5.07 4.74 0.40
CA GLU B 144 3.74 4.18 0.21
C GLU B 144 3.26 3.43 1.45
N SER B 145 4.17 2.76 2.16
CA SER B 145 3.74 2.03 3.34
C SER B 145 3.41 2.97 4.49
N LEU B 146 4.01 4.16 4.49
CA LEU B 146 3.88 5.08 5.62
C LEU B 146 2.74 6.09 5.49
N LEU B 147 2.35 6.44 4.27
CA LEU B 147 1.31 7.45 4.08
C LEU B 147 -0.04 6.78 3.98
N PRO B 148 -0.99 7.06 4.89
CA PRO B 148 -2.29 6.36 4.83
C PRO B 148 -2.97 6.56 3.50
N GLN B 149 -3.73 5.53 3.11
CA GLN B 149 -4.33 5.49 1.79
C GLN B 149 -5.24 6.69 1.52
N HIS B 150 -5.88 7.25 2.56
CA HIS B 150 -6.92 8.26 2.33
C HIS B 150 -6.54 9.64 2.87
N LEU B 151 -5.23 9.89 2.99
CA LEU B 151 -4.76 11.18 3.44
C LEU B 151 -5.27 12.30 2.56
N GLY B 152 -5.42 12.05 1.26
CA GLY B 152 -5.90 13.09 0.37
C GLY B 152 -7.29 13.54 0.71
N GLN B 153 -8.12 12.65 1.27
CA GLN B 153 -9.47 13.03 1.70
C GLN B 153 -9.43 14.14 2.73
N VAL B 154 -8.60 13.99 3.79
CA VAL B 154 -8.58 15.04 4.80
C VAL B 154 -7.97 16.30 4.24
N ALA B 155 -6.96 16.17 3.37
CA ALA B 155 -6.36 17.34 2.74
C ALA B 155 -7.42 18.17 2.03
N ARG B 156 -8.32 17.53 1.29
CA ARG B 156 -9.41 18.26 0.63
C ARG B 156 -10.41 18.82 1.64
N TYR B 157 -10.73 18.05 2.66
CA TYR B 157 -11.73 18.48 3.63
C TYR B 157 -11.24 19.66 4.47
N ALA B 158 -9.92 19.86 4.57
CA ALA B 158 -9.39 20.97 5.35
C ALA B 158 -9.97 22.29 4.90
N GLY B 159 -10.11 22.48 3.59
CA GLY B 159 -10.65 23.70 3.01
C GLY B 159 -11.96 24.16 3.63
N GLN B 160 -13.04 23.43 3.39
CA GLN B 160 -14.37 23.84 3.86
C GLN B 160 -14.48 23.90 5.38
N LEU B 161 -13.34 23.79 6.09
CA LEU B 161 -13.33 23.82 7.54
C LEU B 161 -12.49 24.94 8.14
N ARG B 162 -11.84 25.78 7.33
CA ARG B 162 -10.99 26.81 7.89
C ARG B 162 -11.76 28.01 8.41
N ALA B 163 -12.98 28.24 7.94
CA ALA B 163 -13.81 29.27 8.57
C ALA B 163 -14.15 28.89 10.01
N ARG B 164 -14.44 27.61 10.25
CA ARG B 164 -14.82 27.19 11.59
C ARG B 164 -13.60 27.10 12.52
N VAL B 165 -12.42 26.78 11.98
CA VAL B 165 -11.26 26.60 12.84
C VAL B 165 -10.84 27.93 13.46
N LYS B 166 -10.99 29.03 12.71
CA LYS B 166 -10.51 30.31 13.20
C LYS B 166 -11.54 31.06 14.02
N LYS B 167 -12.83 30.76 13.86
CA LYS B 167 -13.85 31.29 14.76
C LYS B 167 -13.73 30.73 16.16
N GLN B 168 -13.12 29.55 16.31
CA GLN B 168 -12.90 28.92 17.60
C GLN B 168 -11.45 29.01 18.08
N PHE B 169 -10.51 29.31 17.19
CA PHE B 169 -9.10 29.42 17.56
C PHE B 169 -8.57 30.76 17.03
N ALA B 170 -8.14 31.62 17.96
CA ALA B 170 -7.61 32.94 17.62
C ALA B 170 -6.09 33.00 17.60
N THR B 171 -5.41 32.15 18.37
CA THR B 171 -3.97 32.16 18.42
C THR B 171 -3.39 31.26 17.34
N MET B 172 -2.20 31.64 16.86
CA MET B 172 -1.51 30.81 15.87
C MET B 172 -1.04 29.49 16.47
N GLY B 173 -0.65 29.50 17.74
CA GLY B 173 -0.12 28.29 18.36
C GLY B 173 -1.15 27.19 18.51
N GLU B 174 -2.41 27.56 18.76
CA GLU B 174 -3.46 26.55 18.88
C GLU B 174 -3.90 26.02 17.52
N ARG B 175 -3.96 26.90 16.51
CA ARG B 175 -4.41 26.47 15.19
C ARG B 175 -3.58 25.31 14.67
N ARG B 176 -2.27 25.35 14.87
CA ARG B 176 -1.43 24.26 14.39
C ARG B 176 -1.70 22.98 15.15
N ARG B 177 -1.95 23.09 16.47
N ARG B 177 -1.95 23.09 16.47
CA ARG B 177 -2.24 21.89 17.25
CA ARG B 177 -2.24 21.90 17.26
C ARG B 177 -3.54 21.23 16.81
C ARG B 177 -3.54 21.23 16.81
N PHE B 178 -4.51 22.03 16.35
CA PHE B 178 -5.73 21.45 15.79
C PHE B 178 -5.43 20.68 14.53
N TRP B 179 -4.76 21.34 13.57
CA TRP B 179 -4.44 20.68 12.30
C TRP B 179 -3.62 19.42 12.52
N GLU B 180 -2.68 19.46 13.48
CA GLU B 180 -1.86 18.28 13.75
CA GLU B 180 -1.86 18.28 13.75
C GLU B 180 -2.73 17.11 14.16
N LYS B 181 -3.74 17.35 15.00
CA LYS B 181 -4.69 16.29 15.36
C LYS B 181 -5.60 15.94 14.18
N PHE B 182 -6.03 16.95 13.42
CA PHE B 182 -6.94 16.76 12.29
C PHE B 182 -6.34 15.83 11.24
N PHE B 183 -5.11 16.11 10.80
CA PHE B 183 -4.55 15.41 9.66
C PHE B 183 -4.13 13.98 9.98
N VAL B 184 -3.93 13.66 11.26
CA VAL B 184 -3.60 12.29 11.62
C VAL B 184 -4.82 11.51 12.03
N ASN B 185 -6.00 12.10 11.91
CA ASN B 185 -7.22 11.37 12.23
C ASN B 185 -7.55 10.50 11.01
N ASP B 186 -7.08 9.25 11.06
CA ASP B 186 -7.30 8.34 9.93
C ASP B 186 -8.76 7.88 9.85
N ARG B 187 -9.44 7.82 11.00
CA ARG B 187 -10.87 7.49 11.01
C ARG B 187 -11.68 8.46 10.17
N LEU B 188 -11.45 9.77 10.37
CA LEU B 188 -12.15 10.77 9.57
C LEU B 188 -11.86 10.58 8.09
N ALA B 189 -10.60 10.32 7.74
CA ALA B 189 -10.21 10.14 6.35
C ALA B 189 -10.92 8.94 5.74
N GLN B 190 -11.05 7.85 6.49
CA GLN B 190 -11.75 6.67 5.96
C GLN B 190 -13.24 6.95 5.83
N SER B 191 -13.83 7.65 6.79
CA SER B 191 -15.25 7.97 6.71
C SER B 191 -15.55 8.88 5.52
N LEU B 192 -14.67 9.87 5.27
CA LEU B 192 -14.76 10.69 4.07
C LEU B 192 -14.68 9.82 2.82
N ALA B 193 -13.71 8.89 2.78
CA ALA B 193 -13.57 8.00 1.63
C ALA B 193 -14.78 7.10 1.47
N ASN B 194 -15.40 6.71 2.59
CA ASN B 194 -16.61 5.88 2.60
C ASN B 194 -17.85 6.63 2.19
N ALA B 195 -17.77 7.96 2.07
CA ALA B 195 -18.95 8.80 1.84
C ALA B 195 -19.99 8.57 2.94
N ASP B 196 -19.49 8.41 4.17
CA ASP B 196 -20.34 8.14 5.33
C ASP B 196 -20.57 9.47 6.05
N GLU B 197 -21.53 10.24 5.55
CA GLU B 197 -21.72 11.60 6.09
C GLU B 197 -22.07 11.57 7.56
N LYS B 198 -22.81 10.57 8.02
CA LYS B 198 -23.10 10.45 9.45
C LYS B 198 -21.82 10.32 10.26
N ALA B 199 -20.91 9.44 9.82
CA ALA B 199 -19.66 9.27 10.54
C ALA B 199 -18.79 10.52 10.45
N VAL B 200 -18.77 11.17 9.28
CA VAL B 200 -17.95 12.36 9.09
C VAL B 200 -18.41 13.46 10.05
N ASN B 201 -19.71 13.70 10.14
CA ASN B 201 -20.21 14.77 10.98
C ASN B 201 -19.94 14.49 12.45
N ALA B 202 -20.02 13.22 12.86
CA ALA B 202 -19.80 12.86 14.26
C ALA B 202 -18.34 13.02 14.64
N THR B 203 -17.43 12.54 13.78
CA THR B 203 -16.02 12.70 14.04
C THR B 203 -15.60 14.17 13.98
N THR B 204 -16.24 14.96 13.12
CA THR B 204 -15.89 16.38 13.03
C THR B 204 -16.23 17.12 14.31
N GLU B 205 -17.46 16.97 14.80
CA GLU B 205 -17.89 17.69 16.00
C GLU B 205 -17.02 17.34 17.19
N ARG B 206 -16.54 16.10 17.25
CA ARG B 206 -15.66 15.72 18.36
CA ARG B 206 -15.66 15.72 18.36
C ARG B 206 -14.33 16.46 18.28
N LEU B 207 -13.82 16.69 17.06
CA LEU B 207 -12.56 17.41 16.92
C LEU B 207 -12.64 18.82 17.48
N PHE B 208 -13.81 19.46 17.36
CA PHE B 208 -13.99 20.81 17.92
C PHE B 208 -14.45 20.80 19.36
N SER B 209 -15.11 19.72 19.80
CA SER B 209 -15.71 19.72 21.13
C SER B 209 -14.67 19.40 22.21
N GLU B 210 -13.89 18.34 22.00
CA GLU B 210 -12.94 17.92 23.01
C GLU B 210 -11.82 18.94 23.17
N PRO B 211 -11.09 18.89 24.28
CA PRO B 211 -9.94 19.78 24.44
C PRO B 211 -8.87 19.52 23.39
N LEU B 212 -8.02 20.53 23.18
CA LEU B 212 -6.95 20.42 22.18
C LEU B 212 -6.05 19.21 22.44
N ASP B 213 -5.66 19.01 23.71
CA ASP B 213 -4.73 17.95 24.06
C ASP B 213 -5.38 16.57 24.08
N HIS B 214 -6.69 16.47 23.92
CA HIS B 214 -7.36 15.18 23.95
CA HIS B 214 -7.39 15.19 23.95
C HIS B 214 -7.46 14.62 22.54
N ARG B 215 -7.07 13.36 22.40
CA ARG B 215 -7.07 12.63 21.13
C ARG B 215 -7.50 11.19 21.39
N GLY B 216 -8.44 11.02 22.32
CA GLY B 216 -8.80 9.71 22.82
C GLY B 216 -9.37 8.78 21.76
N GLU B 217 -8.78 7.60 21.62
CA GLU B 217 -9.30 6.54 20.76
C GLU B 217 -8.52 5.27 21.05
N VAL B 218 -9.13 4.13 20.71
CA VAL B 218 -8.50 2.83 20.87
C VAL B 218 -8.46 2.17 19.49
N VAL B 219 -7.28 1.71 19.07
CA VAL B 219 -7.15 0.92 17.85
C VAL B 219 -6.67 -0.47 18.22
N LEU B 220 -7.47 -1.49 17.91
CA LEU B 220 -7.01 -2.88 18.00
C LEU B 220 -6.23 -3.21 16.73
N VAL B 221 -4.97 -3.58 16.87
CA VAL B 221 -4.12 -3.89 15.72
C VAL B 221 -3.64 -5.32 15.81
N GLY B 222 -3.92 -6.10 14.77
CA GLY B 222 -3.37 -7.45 14.63
C GLY B 222 -1.91 -7.43 14.25
N ALA B 223 -1.04 -7.90 15.13
CA ALA B 223 0.39 -7.94 14.85
C ALA B 223 0.79 -9.04 13.88
N GLY B 224 -0.09 -10.00 13.60
CA GLY B 224 0.32 -11.20 12.88
C GLY B 224 1.09 -12.18 13.78
N PRO B 225 1.49 -13.33 13.25
CA PRO B 225 2.02 -14.38 14.14
C PRO B 225 3.49 -14.19 14.54
N GLY B 226 4.21 -13.23 14.01
CA GLY B 226 5.56 -13.05 14.48
C GLY B 226 6.43 -12.26 13.53
N ASP B 227 6.56 -12.76 12.30
CA ASP B 227 7.35 -12.08 11.28
C ASP B 227 6.89 -10.64 11.11
N ALA B 228 7.79 -9.69 11.32
CA ALA B 228 7.41 -8.28 11.21
C ALA B 228 6.99 -7.89 9.80
N GLY B 229 7.41 -8.62 8.78
CA GLY B 229 6.90 -8.30 7.45
C GLY B 229 5.43 -8.62 7.25
N LEU B 230 4.80 -9.31 8.19
CA LEU B 230 3.39 -9.66 8.06
C LEU B 230 2.48 -8.66 8.76
N LEU B 231 3.04 -7.62 9.38
CA LEU B 231 2.21 -6.47 9.75
C LEU B 231 1.61 -5.86 8.50
N THR B 232 0.34 -5.42 8.58
CA THR B 232 -0.29 -4.70 7.47
C THR B 232 0.24 -3.26 7.40
N LEU B 233 0.09 -2.63 6.23
CA LEU B 233 0.46 -1.22 6.09
C LEU B 233 -0.31 -0.36 7.11
N LYS B 234 -1.63 -0.57 7.22
CA LYS B 234 -2.39 0.24 8.16
C LYS B 234 -1.97 -0.03 9.61
N GLY B 235 -1.63 -1.28 9.93
CA GLY B 235 -1.12 -1.59 11.25
C GLY B 235 0.15 -0.84 11.57
N LEU B 236 1.12 -0.84 10.64
CA LEU B 236 2.29 0.00 10.79
C LEU B 236 1.91 1.46 11.00
N GLN B 237 1.02 1.98 10.17
CA GLN B 237 0.68 3.40 10.25
C GLN B 237 0.10 3.73 11.62
N GLN B 238 -0.68 2.82 12.18
CA GLN B 238 -1.33 3.09 13.47
C GLN B 238 -0.32 3.03 14.61
N ILE B 239 0.58 2.04 14.58
CA ILE B 239 1.56 1.99 15.67
CA ILE B 239 1.63 1.94 15.60
C ILE B 239 2.53 3.16 15.55
N GLN B 240 2.71 3.74 14.35
CA GLN B 240 3.57 4.91 14.20
C GLN B 240 2.97 6.16 14.82
N GLN B 241 1.64 6.22 15.03
N GLN B 241 1.66 6.19 15.04
CA GLN B 241 0.99 7.39 15.56
CA GLN B 241 0.96 7.36 15.54
C GLN B 241 0.58 7.25 17.02
C GLN B 241 0.37 7.15 16.93
N ALA B 242 0.73 6.06 17.61
CA ALA B 242 0.21 5.81 18.94
C ALA B 242 0.85 6.69 20.00
N ASP B 243 0.03 7.15 20.95
CA ASP B 243 0.57 7.72 22.18
C ASP B 243 1.02 6.64 23.14
N ILE B 244 0.32 5.51 23.15
CA ILE B 244 0.61 4.43 24.08
C ILE B 244 0.24 3.12 23.39
N VAL B 245 1.12 2.13 23.55
CA VAL B 245 0.95 0.82 22.92
C VAL B 245 0.81 -0.21 24.04
N VAL B 246 -0.29 -0.93 24.07
CA VAL B 246 -0.57 -1.96 25.05
C VAL B 246 -0.42 -3.31 24.34
N TYR B 247 0.47 -4.16 24.86
CA TYR B 247 0.86 -5.36 24.13
C TYR B 247 1.09 -6.50 25.12
N ASP B 248 1.28 -7.71 24.59
CA ASP B 248 1.53 -8.86 25.44
C ASP B 248 2.58 -9.75 24.76
N ARG B 249 2.74 -10.95 25.32
CA ARG B 249 3.87 -11.82 24.96
C ARG B 249 3.76 -12.33 23.52
N LEU B 250 2.56 -12.46 22.98
CA LEU B 250 2.43 -13.01 21.64
C LEU B 250 2.62 -11.97 20.55
N VAL B 251 2.95 -10.73 20.92
CA VAL B 251 3.43 -9.71 19.99
C VAL B 251 4.94 -9.83 19.94
N SER B 252 5.50 -10.14 18.77
CA SER B 252 6.91 -10.47 18.72
C SER B 252 7.78 -9.22 18.94
N ASP B 253 9.02 -9.47 19.34
CA ASP B 253 10.00 -8.39 19.49
C ASP B 253 10.22 -7.65 18.16
N ASP B 254 10.20 -8.37 17.04
CA ASP B 254 10.35 -7.73 15.73
C ASP B 254 9.24 -6.71 15.48
N ILE B 255 8.00 -7.05 15.85
CA ILE B 255 6.90 -6.11 15.68
C ILE B 255 7.09 -4.93 16.63
N MET B 256 7.46 -5.19 17.87
CA MET B 256 7.62 -4.09 18.82
C MET B 256 8.75 -3.16 18.41
N ASN B 257 9.75 -3.66 17.67
CA ASN B 257 10.79 -2.79 17.15
C ASN B 257 10.26 -1.74 16.20
N LEU B 258 9.10 -1.97 15.59
CA LEU B 258 8.47 -1.00 14.70
C LEU B 258 7.64 0.02 15.45
N VAL B 259 7.42 -0.20 16.75
CA VAL B 259 6.63 0.73 17.53
C VAL B 259 7.37 2.06 17.62
N ARG B 260 6.66 3.15 17.33
CA ARG B 260 7.32 4.45 17.34
C ARG B 260 8.02 4.63 18.66
N ARG B 261 9.35 4.46 18.63
CA ARG B 261 10.18 4.90 19.73
C ARG B 261 9.74 6.29 20.17
N ASP B 262 9.39 6.41 21.45
CA ASP B 262 8.76 7.54 22.14
C ASP B 262 7.42 7.12 22.75
N ALA B 263 6.69 6.24 22.07
CA ALA B 263 5.40 5.82 22.59
C ALA B 263 5.56 5.18 23.97
N ASP B 264 4.75 5.61 24.92
CA ASP B 264 4.61 4.87 26.16
C ASP B 264 4.22 3.44 25.83
N ARG B 265 4.74 2.49 26.61
CA ARG B 265 4.48 1.08 26.37
C ARG B 265 3.94 0.47 27.65
N VAL B 266 2.87 -0.32 27.54
CA VAL B 266 2.31 -1.05 28.66
C VAL B 266 2.29 -2.53 28.30
N PHE B 267 3.01 -3.35 29.05
CA PHE B 267 3.09 -4.78 28.82
C PHE B 267 2.07 -5.46 29.72
N VAL B 268 1.14 -6.23 29.13
CA VAL B 268 0.10 -6.89 29.90
C VAL B 268 0.21 -8.40 29.87
N GLY B 269 1.34 -8.94 29.40
CA GLY B 269 1.50 -10.37 29.19
C GLY B 269 1.94 -11.15 30.41
N LYS B 270 2.39 -12.38 30.16
CA LYS B 270 2.77 -13.33 31.20
C LYS B 270 4.14 -12.98 31.80
N ARG B 271 4.23 -12.97 33.13
CA ARG B 271 5.50 -12.84 33.83
C ARG B 271 5.48 -13.75 35.05
N ALA B 272 6.58 -13.74 35.79
CA ALA B 272 6.75 -14.65 36.92
C ALA B 272 7.43 -13.96 38.10
N VAL B 277 -2.55 -11.67 34.64
CA VAL B 277 -3.27 -10.43 34.34
C VAL B 277 -4.67 -10.74 33.83
N PRO B 278 -5.68 -10.38 34.62
CA PRO B 278 -7.07 -10.60 34.17
C PRO B 278 -7.45 -9.67 33.02
N GLN B 279 -8.37 -10.15 32.18
CA GLN B 279 -8.81 -9.36 31.03
C GLN B 279 -9.46 -8.05 31.46
N GLU B 280 -10.21 -8.08 32.56
CA GLU B 280 -10.89 -6.88 33.04
C GLU B 280 -9.90 -5.75 33.28
N GLU B 281 -8.75 -6.07 33.88
CA GLU B 281 -7.71 -5.06 34.07
C GLU B 281 -7.25 -4.49 32.74
N ILE B 282 -7.10 -5.36 31.73
CA ILE B 282 -6.71 -4.90 30.40
C ILE B 282 -7.78 -3.99 29.82
N ASN B 283 -9.05 -4.39 29.92
CA ASN B 283 -10.13 -3.55 29.41
C ASN B 283 -10.09 -2.17 30.06
N GLN B 284 -9.85 -2.12 31.37
CA GLN B 284 -9.84 -0.84 32.09
C GLN B 284 -8.65 0.02 31.68
N ILE B 285 -7.50 -0.60 31.41
CA ILE B 285 -6.33 0.17 30.98
C ILE B 285 -6.62 0.90 29.69
N LEU B 286 -7.20 0.19 28.71
CA LEU B 286 -7.58 0.84 27.46
C LEU B 286 -8.57 1.95 27.71
N LEU B 287 -9.56 1.69 28.57
CA LEU B 287 -10.55 2.71 28.89
C LEU B 287 -9.88 3.92 29.53
N ARG B 288 -9.16 3.71 30.62
CA ARG B 288 -8.58 4.84 31.36
C ARG B 288 -7.65 5.67 30.49
N GLU B 289 -6.79 5.00 29.71
CA GLU B 289 -5.84 5.75 28.89
C GLU B 289 -6.55 6.52 27.79
N ALA B 290 -7.58 5.92 27.18
CA ALA B 290 -8.37 6.65 26.18
C ALA B 290 -9.03 7.88 26.79
N GLN B 291 -9.54 7.75 28.02
CA GLN B 291 -10.24 8.88 28.63
C GLN B 291 -9.28 9.98 29.04
N LYS B 292 -8.02 9.65 29.30
CA LYS B 292 -7.01 10.68 29.51
C LYS B 292 -6.64 11.39 28.22
N GLY B 293 -7.25 11.03 27.10
CA GLY B 293 -7.00 11.69 25.84
C GLY B 293 -5.91 11.09 24.99
N LYS B 294 -5.48 9.87 25.29
CA LYS B 294 -4.37 9.27 24.57
C LYS B 294 -4.85 8.47 23.37
N ARG B 295 -4.07 8.50 22.30
CA ARG B 295 -4.31 7.65 21.15
C ARG B 295 -3.71 6.28 21.46
N VAL B 296 -4.57 5.31 21.74
CA VAL B 296 -4.14 4.02 22.30
C VAL B 296 -4.16 2.95 21.22
N VAL B 297 -3.07 2.21 21.09
CA VAL B 297 -3.02 1.03 20.22
C VAL B 297 -2.89 -0.20 21.09
N ARG B 298 -3.84 -1.13 20.97
CA ARG B 298 -3.76 -2.43 21.62
C ARG B 298 -3.24 -3.39 20.57
N LEU B 299 -1.97 -3.78 20.69
CA LEU B 299 -1.35 -4.70 19.73
C LEU B 299 -1.62 -6.11 20.22
N LYS B 300 -2.13 -6.96 19.34
CA LYS B 300 -2.47 -8.32 19.69
C LYS B 300 -1.79 -9.29 18.73
N GLY B 301 -1.33 -10.43 19.25
CA GLY B 301 -0.80 -11.45 18.36
C GLY B 301 -1.85 -11.90 17.36
N GLY B 302 -1.40 -12.15 16.13
CA GLY B 302 -2.29 -12.69 15.11
C GLY B 302 -3.36 -11.70 14.66
N ASP B 303 -4.61 -12.17 14.64
CA ASP B 303 -5.79 -11.35 14.34
C ASP B 303 -6.60 -11.10 15.61
N PRO B 304 -7.05 -9.86 15.86
CA PRO B 304 -7.72 -9.53 17.14
C PRO B 304 -9.01 -10.29 17.43
N PHE B 305 -9.76 -10.67 16.39
CA PHE B 305 -11.08 -11.28 16.52
C PHE B 305 -11.09 -12.81 16.38
N ILE B 306 -9.94 -13.45 16.30
CA ILE B 306 -9.86 -14.92 16.25
C ILE B 306 -9.17 -15.38 17.54
N PHE B 307 -9.97 -15.75 18.53
CA PHE B 307 -9.47 -16.19 19.85
C PHE B 307 -8.58 -15.13 20.50
N GLY B 308 -8.80 -13.87 20.16
CA GLY B 308 -8.02 -12.78 20.74
C GLY B 308 -8.71 -12.02 21.85
N ARG B 309 -10.00 -12.30 22.09
CA ARG B 309 -10.85 -11.55 23.02
C ARG B 309 -10.97 -10.08 22.63
N GLY B 310 -10.74 -9.76 21.36
CA GLY B 310 -10.82 -8.39 20.92
C GLY B 310 -12.20 -7.80 21.11
N GLY B 311 -13.24 -8.61 20.89
CA GLY B 311 -14.59 -8.16 21.16
C GLY B 311 -14.79 -7.71 22.60
N GLU B 312 -14.27 -8.49 23.55
CA GLU B 312 -14.38 -8.10 24.94
C GLU B 312 -13.74 -6.75 25.21
N GLU B 313 -12.60 -6.48 24.57
CA GLU B 313 -11.89 -5.24 24.83
C GLU B 313 -12.65 -4.05 24.28
N LEU B 314 -13.42 -4.23 23.20
CA LEU B 314 -14.13 -3.12 22.58
C LEU B 314 -15.48 -2.82 23.21
N GLU B 315 -16.20 -3.84 23.71
CA GLU B 315 -17.52 -3.55 24.27
C GLU B 315 -17.42 -2.65 25.48
N THR B 316 -16.24 -2.61 26.13
CA THR B 316 -15.98 -1.66 27.21
C THR B 316 -16.09 -0.22 26.73
N LEU B 317 -15.90 0.02 25.43
CA LEU B 317 -15.70 1.36 24.89
C LEU B 317 -16.94 1.96 24.22
N CYS B 318 -17.79 1.12 23.62
N CYS B 318 -17.79 1.11 23.62
CA CYS B 318 -18.89 1.65 22.81
CA CYS B 318 -18.90 1.60 22.81
C CYS B 318 -19.84 2.50 23.63
C CYS B 318 -19.91 2.43 23.60
N HIS B 319 -20.00 2.21 24.91
CA HIS B 319 -20.92 2.95 25.76
C HIS B 319 -20.19 3.89 26.71
N ALA B 320 -18.87 3.96 26.63
CA ALA B 320 -18.10 5.02 27.29
C ALA B 320 -17.85 6.21 26.37
N GLY B 321 -18.33 6.15 25.13
CA GLY B 321 -18.14 7.24 24.20
C GLY B 321 -16.76 7.33 23.60
N ILE B 322 -16.00 6.24 23.64
CA ILE B 322 -14.61 6.23 23.18
C ILE B 322 -14.60 5.66 21.75
N PRO B 323 -14.14 6.43 20.76
CA PRO B 323 -14.08 5.89 19.39
C PRO B 323 -13.05 4.78 19.30
N PHE B 324 -13.32 3.81 18.43
CA PHE B 324 -12.38 2.71 18.23
C PHE B 324 -12.44 2.25 16.78
N SER B 325 -11.47 1.40 16.44
CA SER B 325 -11.40 0.77 15.13
C SER B 325 -10.56 -0.49 15.27
N VAL B 326 -10.57 -1.34 14.23
CA VAL B 326 -9.89 -2.62 14.28
C VAL B 326 -9.11 -2.82 13.00
N VAL B 327 -7.84 -3.16 13.12
CA VAL B 327 -7.01 -3.50 11.98
C VAL B 327 -6.75 -4.99 12.06
N PRO B 328 -7.34 -5.80 11.17
CA PRO B 328 -7.12 -7.25 11.24
C PRO B 328 -5.67 -7.57 10.98
N GLY B 329 -5.25 -8.74 11.46
CA GLY B 329 -3.90 -9.21 11.26
C GLY B 329 -3.95 -10.62 10.69
N ILE B 330 -2.77 -11.08 10.27
CA ILE B 330 -2.60 -12.45 9.79
C ILE B 330 -2.78 -13.39 10.97
N THR B 331 -3.82 -14.23 10.95
CA THR B 331 -4.00 -15.15 12.06
C THR B 331 -2.97 -16.28 12.01
N ALA B 332 -2.75 -16.93 13.16
CA ALA B 332 -1.74 -17.99 13.22
C ALA B 332 -1.98 -19.06 12.15
N ALA B 333 -3.24 -19.42 11.91
CA ALA B 333 -3.56 -20.45 10.92
C ALA B 333 -3.00 -20.09 9.55
N SER B 334 -3.25 -18.85 9.10
CA SER B 334 -2.78 -18.41 7.79
C SER B 334 -1.27 -18.32 7.72
N GLY B 335 -0.67 -17.71 8.75
CA GLY B 335 0.78 -17.58 8.76
C GLY B 335 1.49 -18.92 8.82
N CYS B 336 1.06 -19.80 9.73
CA CYS B 336 1.69 -21.11 9.79
C CYS B 336 1.46 -21.90 8.51
N SER B 337 0.25 -21.83 7.95
CA SER B 337 -0.04 -22.51 6.69
C SER B 337 0.95 -22.09 5.61
N ALA B 338 1.09 -20.79 5.39
CA ALA B 338 1.98 -20.32 4.33
C ALA B 338 3.41 -20.74 4.60
N TYR B 339 3.87 -20.61 5.83
CA TYR B 339 5.29 -20.76 6.12
C TYR B 339 5.69 -22.20 6.35
N SER B 340 4.74 -23.11 6.52
CA SER B 340 5.05 -24.53 6.65
C SER B 340 4.87 -25.29 5.34
N GLY B 341 4.30 -24.65 4.32
CA GLY B 341 3.97 -25.37 3.11
C GLY B 341 2.76 -26.27 3.25
N ILE B 342 1.84 -25.93 4.15
CA ILE B 342 0.63 -26.73 4.33
C ILE B 342 -0.56 -25.82 4.02
N PRO B 343 -1.07 -25.83 2.79
CA PRO B 343 -2.25 -25.01 2.50
C PRO B 343 -3.43 -25.50 3.30
N LEU B 344 -4.28 -24.58 3.73
CA LEU B 344 -5.44 -25.00 4.51
C LEU B 344 -6.51 -25.65 3.64
N THR B 345 -6.59 -25.32 2.36
CA THR B 345 -7.43 -26.03 1.40
C THR B 345 -6.59 -26.42 0.19
N HIS B 346 -7.05 -27.43 -0.54
CA HIS B 346 -6.36 -27.88 -1.74
C HIS B 346 -7.25 -28.85 -2.51
N ARG B 347 -7.51 -28.56 -3.78
CA ARG B 347 -8.32 -29.41 -4.65
C ARG B 347 -9.58 -29.78 -3.86
N ASP B 348 -9.95 -31.05 -3.79
CA ASP B 348 -11.10 -31.53 -3.03
C ASP B 348 -10.70 -32.10 -1.67
N TYR B 349 -9.52 -31.75 -1.15
CA TYR B 349 -9.09 -32.31 0.13
C TYR B 349 -10.02 -31.90 1.25
N ALA B 350 -10.46 -30.64 1.26
CA ALA B 350 -11.21 -30.06 2.38
C ALA B 350 -12.33 -29.17 1.86
N GLN B 351 -13.56 -29.46 2.29
CA GLN B 351 -14.68 -28.55 2.06
C GLN B 351 -14.73 -27.42 3.07
N SER B 352 -14.07 -27.58 4.21
CA SER B 352 -14.05 -26.51 5.19
C SER B 352 -12.77 -26.56 6.00
N VAL B 353 -12.39 -25.39 6.51
CA VAL B 353 -11.29 -25.25 7.47
C VAL B 353 -11.92 -24.92 8.80
N ARG B 354 -11.49 -25.60 9.85
CA ARG B 354 -12.02 -25.37 11.18
C ARG B 354 -10.91 -24.78 12.04
N LEU B 355 -11.11 -23.55 12.53
CA LEU B 355 -10.23 -22.97 13.53
C LEU B 355 -10.88 -23.24 14.88
N VAL B 356 -10.21 -24.02 15.72
CA VAL B 356 -10.81 -24.50 16.96
C VAL B 356 -9.85 -24.26 18.13
N THR B 357 -10.42 -24.01 19.31
CA THR B 357 -9.64 -23.80 20.51
C THR B 357 -9.51 -25.10 21.29
N GLY B 358 -8.31 -25.38 21.79
CA GLY B 358 -8.09 -26.53 22.65
C GLY B 358 -8.56 -26.31 24.09
N GLY B 363 -17.13 -22.95 31.21
CA GLY B 363 -17.32 -24.37 30.99
C GLY B 363 -17.30 -24.73 29.52
N GLY B 364 -17.60 -25.99 29.22
CA GLY B 364 -17.71 -26.49 27.86
C GLY B 364 -16.90 -27.75 27.64
N GLU B 365 -16.98 -28.25 26.40
CA GLU B 365 -16.21 -29.38 25.94
C GLU B 365 -16.40 -29.52 24.43
N LEU B 366 -15.44 -30.11 23.72
CA LEU B 366 -15.47 -30.14 22.27
C LEU B 366 -16.38 -31.27 21.75
N ASP B 367 -16.97 -31.04 20.57
CA ASP B 367 -17.81 -32.04 19.91
C ASP B 367 -16.91 -32.91 19.04
N TRP B 368 -16.59 -34.10 19.53
CA TRP B 368 -15.57 -34.92 18.89
C TRP B 368 -16.06 -35.59 17.62
N GLU B 369 -17.29 -36.11 17.62
CA GLU B 369 -17.86 -36.67 16.39
C GLU B 369 -17.88 -35.64 15.27
N ASN B 370 -18.18 -34.39 15.61
CA ASN B 370 -18.15 -33.30 14.64
C ASN B 370 -16.74 -33.07 14.12
N LEU B 371 -15.77 -32.93 15.04
CA LEU B 371 -14.39 -32.66 14.66
C LEU B 371 -13.79 -33.79 13.83
N ALA B 372 -14.25 -35.03 14.04
CA ALA B 372 -13.67 -36.20 13.39
C ALA B 372 -14.14 -36.41 11.95
N ALA B 373 -15.15 -35.67 11.51
CA ALA B 373 -15.76 -35.92 10.22
C ALA B 373 -14.81 -35.57 9.07
N GLU B 374 -15.00 -36.25 7.94
CA GLU B 374 -14.08 -36.19 6.81
C GLU B 374 -14.20 -34.87 6.06
N LYS B 375 -13.19 -34.60 5.22
CA LYS B 375 -13.17 -33.46 4.30
C LYS B 375 -13.00 -32.12 5.02
N GLN B 376 -12.28 -32.11 6.16
CA GLN B 376 -11.95 -30.90 6.89
C GLN B 376 -10.46 -30.78 7.06
N THR B 377 -9.98 -29.54 7.18
CA THR B 377 -8.69 -29.23 7.78
C THR B 377 -8.96 -28.66 9.16
N LEU B 378 -8.48 -29.35 10.20
CA LEU B 378 -8.60 -28.88 11.58
C LEU B 378 -7.36 -28.09 11.97
N VAL B 379 -7.55 -26.92 12.59
CA VAL B 379 -6.45 -26.12 13.12
C VAL B 379 -6.78 -25.83 14.58
N PHE B 380 -6.01 -26.42 15.50
CA PHE B 380 -6.21 -26.24 16.93
C PHE B 380 -5.31 -25.12 17.44
N TYR B 381 -5.93 -24.10 18.02
CA TYR B 381 -5.25 -23.05 18.76
C TYR B 381 -5.24 -23.42 20.24
N MET B 382 -4.13 -23.15 20.90
CA MET B 382 -4.02 -23.39 22.35
C MET B 382 -4.34 -24.84 22.73
N GLY B 383 -4.00 -25.79 21.87
CA GLY B 383 -4.34 -27.19 22.14
C GLY B 383 -3.18 -28.06 22.54
N LEU B 384 -1.99 -27.46 22.69
CA LEU B 384 -0.78 -28.25 22.93
C LEU B 384 -0.92 -29.14 24.16
N ASN B 385 -1.57 -28.65 25.22
CA ASN B 385 -1.70 -29.45 26.43
C ASN B 385 -2.67 -30.59 26.26
N GLN B 386 -3.66 -30.44 25.39
CA GLN B 386 -4.66 -31.46 25.18
C GLN B 386 -4.35 -32.35 23.98
N ALA B 387 -3.10 -32.33 23.50
CA ALA B 387 -2.80 -33.02 22.24
C ALA B 387 -2.93 -34.52 22.38
N ALA B 388 -2.56 -35.06 23.54
CA ALA B 388 -2.80 -36.48 23.79
C ALA B 388 -4.29 -36.78 23.76
N THR B 389 -5.12 -35.90 24.34
CA THR B 389 -6.55 -36.15 24.36
C THR B 389 -7.15 -35.97 22.97
N ILE B 390 -6.66 -34.99 22.22
CA ILE B 390 -7.11 -34.80 20.84
C ILE B 390 -6.86 -36.06 20.03
N GLN B 391 -5.68 -36.68 20.20
CA GLN B 391 -5.40 -37.93 19.51
C GLN B 391 -6.41 -38.99 19.86
N GLU B 392 -6.61 -39.25 21.16
CA GLU B 392 -7.50 -40.33 21.58
C GLU B 392 -8.92 -40.11 21.08
N LYS B 393 -9.43 -38.88 21.21
CA LYS B 393 -10.83 -38.64 20.88
C LYS B 393 -11.07 -38.70 19.37
N LEU B 394 -10.15 -38.15 18.57
CA LEU B 394 -10.32 -38.23 17.13
C LEU B 394 -10.25 -39.67 16.63
N ILE B 395 -9.35 -40.47 17.20
CA ILE B 395 -9.28 -41.88 16.83
C ILE B 395 -10.57 -42.59 17.21
N ALA B 396 -11.05 -42.35 18.43
CA ALA B 396 -12.22 -43.07 18.95
C ALA B 396 -13.51 -42.68 18.26
N PHE B 397 -13.58 -41.50 17.65
CA PHE B 397 -14.77 -41.11 16.91
C PHE B 397 -14.60 -41.29 15.41
N GLY B 398 -13.65 -42.13 14.99
CA GLY B 398 -13.61 -42.64 13.64
C GLY B 398 -12.70 -41.95 12.65
N MET B 399 -11.90 -40.98 13.07
CA MET B 399 -10.91 -40.44 12.15
C MET B 399 -9.87 -41.51 11.82
N GLN B 400 -9.48 -41.58 10.55
CA GLN B 400 -8.52 -42.59 10.12
C GLN B 400 -7.20 -42.41 10.87
N ALA B 401 -6.63 -43.54 11.30
CA ALA B 401 -5.39 -43.51 12.08
C ALA B 401 -4.21 -43.01 11.27
N ASP B 402 -4.27 -43.08 9.94
CA ASP B 402 -3.19 -42.65 9.08
C ASP B 402 -3.33 -41.19 8.65
N MET B 403 -4.24 -40.44 9.27
CA MET B 403 -4.44 -39.04 8.91
C MET B 403 -3.18 -38.23 9.21
N PRO B 404 -2.66 -37.46 8.27
CA PRO B 404 -1.48 -36.65 8.55
C PRO B 404 -1.79 -35.57 9.56
N VAL B 405 -0.79 -35.28 10.41
CA VAL B 405 -0.88 -34.18 11.38
C VAL B 405 0.47 -33.45 11.35
N ALA B 406 0.42 -32.16 11.68
CA ALA B 406 1.62 -31.36 11.82
C ALA B 406 1.47 -30.42 13.01
N LEU B 407 2.60 -30.06 13.61
CA LEU B 407 2.62 -29.01 14.61
C LEU B 407 3.59 -27.93 14.17
N VAL B 408 3.17 -26.67 14.26
CA VAL B 408 4.00 -25.55 13.87
C VAL B 408 4.22 -24.67 15.09
N GLU B 409 5.48 -24.55 15.50
CA GLU B 409 5.87 -23.81 16.70
C GLU B 409 6.52 -22.50 16.27
N ASN B 410 6.06 -21.40 16.84
CA ASN B 410 6.63 -20.09 16.50
C ASN B 410 6.56 -19.86 14.99
N GLY B 411 5.38 -20.15 14.42
CA GLY B 411 5.22 -20.03 12.98
C GLY B 411 5.54 -18.63 12.50
N THR B 412 6.20 -18.55 11.34
CA THR B 412 6.64 -17.36 10.61
C THR B 412 7.90 -16.74 11.21
N SER B 413 8.38 -17.20 12.36
CA SER B 413 9.56 -16.60 12.97
C SER B 413 10.85 -17.30 12.50
N VAL B 414 11.99 -16.70 12.82
CA VAL B 414 13.27 -17.30 12.43
C VAL B 414 13.58 -18.53 13.27
N LYS B 415 12.75 -18.86 14.26
CA LYS B 415 12.94 -20.09 15.02
C LYS B 415 11.80 -21.08 14.81
N GLN B 416 11.03 -20.91 13.72
CA GLN B 416 9.91 -21.79 13.43
C GLN B 416 10.35 -23.25 13.40
N ARG B 417 9.52 -24.11 13.99
CA ARG B 417 9.78 -25.53 14.04
C ARG B 417 8.53 -26.26 13.60
N VAL B 418 8.67 -27.15 12.63
CA VAL B 418 7.55 -27.95 12.14
C VAL B 418 7.90 -29.41 12.35
N VAL B 419 7.03 -30.13 13.04
CA VAL B 419 7.16 -31.58 13.18
C VAL B 419 5.86 -32.18 12.64
N HIS B 420 5.95 -33.39 12.10
CA HIS B 420 4.79 -33.94 11.42
C HIS B 420 4.87 -35.46 11.44
N GLY B 421 3.74 -36.08 11.12
CA GLY B 421 3.57 -37.51 11.16
C GLY B 421 2.12 -37.86 10.92
N VAL B 422 1.59 -38.84 11.66
CA VAL B 422 0.21 -39.28 11.53
C VAL B 422 -0.48 -39.20 12.89
N LEU B 423 -1.81 -39.32 12.86
CA LEU B 423 -2.63 -39.05 14.04
C LEU B 423 -2.21 -39.87 15.26
N THR B 424 -1.77 -41.11 15.05
CA THR B 424 -1.33 -41.93 16.17
C THR B 424 -0.06 -41.38 16.84
N GLN B 425 0.66 -40.48 16.18
CA GLN B 425 1.87 -39.87 16.73
C GLN B 425 1.63 -38.49 17.32
N LEU B 426 0.39 -38.00 17.34
CA LEU B 426 0.14 -36.60 17.67
C LEU B 426 0.63 -36.27 19.08
N GLY B 427 0.28 -37.11 20.05
CA GLY B 427 0.67 -36.84 21.42
C GLY B 427 2.18 -36.75 21.60
N GLU B 428 2.91 -37.67 20.97
CA GLU B 428 4.37 -37.68 21.11
C GLU B 428 5.00 -36.54 20.32
N LEU B 429 4.46 -36.22 19.14
CA LEU B 429 4.96 -35.08 18.38
C LEU B 429 4.76 -33.78 19.15
N ALA B 430 3.65 -33.66 19.88
CA ALA B 430 3.38 -32.45 20.66
C ALA B 430 4.39 -32.26 21.80
N GLN B 431 5.01 -33.33 22.29
CA GLN B 431 6.04 -33.16 23.32
C GLN B 431 7.26 -32.45 22.80
N GLN B 432 7.48 -32.48 21.48
CA GLN B 432 8.66 -31.89 20.84
C GLN B 432 8.52 -30.40 20.59
N VAL B 433 7.40 -29.79 20.97
CA VAL B 433 7.21 -28.37 20.71
C VAL B 433 6.72 -27.68 21.97
N GLU B 434 6.82 -26.35 21.95
CA GLU B 434 6.44 -25.49 23.06
C GLU B 434 5.45 -24.45 22.56
N SER B 435 4.70 -23.85 23.47
CA SER B 435 3.83 -22.77 23.07
C SER B 435 4.67 -21.56 22.65
N PRO B 436 4.18 -20.76 21.71
CA PRO B 436 2.89 -20.96 21.03
C PRO B 436 3.01 -21.94 19.86
N ALA B 437 2.11 -22.92 19.73
CA ALA B 437 2.13 -23.82 18.59
C ALA B 437 0.71 -24.10 18.08
N LEU B 438 0.63 -24.43 16.79
CA LEU B 438 -0.61 -24.81 16.12
C LEU B 438 -0.57 -26.29 15.81
N ILE B 439 -1.72 -26.95 15.95
CA ILE B 439 -1.87 -28.34 15.51
C ILE B 439 -2.76 -28.32 14.28
N ILE B 440 -2.27 -28.93 13.19
CA ILE B 440 -3.01 -29.02 11.95
C ILE B 440 -3.28 -30.49 11.66
N VAL B 441 -4.54 -30.82 11.40
CA VAL B 441 -4.96 -32.21 11.13
C VAL B 441 -5.72 -32.21 9.81
N GLY B 442 -5.27 -33.00 8.85
CA GLY B 442 -6.01 -33.18 7.62
C GLY B 442 -5.12 -33.61 6.49
N ARG B 443 -5.76 -34.06 5.41
CA ARG B 443 -5.04 -34.56 4.24
C ARG B 443 -4.05 -33.53 3.68
N VAL B 444 -4.32 -32.22 3.86
CA VAL B 444 -3.43 -31.20 3.31
C VAL B 444 -2.02 -31.27 3.90
N VAL B 445 -1.86 -31.90 5.07
CA VAL B 445 -0.55 -31.94 5.70
C VAL B 445 0.46 -32.66 4.81
N ALA B 446 -0.02 -33.55 3.94
CA ALA B 446 0.85 -34.34 3.09
C ALA B 446 1.51 -33.50 2.00
N LEU B 447 1.02 -32.30 1.75
CA LEU B 447 1.58 -31.44 0.72
C LEU B 447 2.87 -30.77 1.18
N ARG B 448 3.21 -30.87 2.47
N ARG B 448 3.21 -30.87 2.47
CA ARG B 448 4.39 -30.15 2.96
CA ARG B 448 4.39 -30.18 2.99
C ARG B 448 5.66 -30.62 2.25
C ARG B 448 5.67 -30.63 2.29
N ASP B 449 5.74 -31.90 1.87
CA ASP B 449 6.95 -32.38 1.21
C ASP B 449 7.15 -31.74 -0.15
N LYS B 450 6.07 -31.30 -0.80
CA LYS B 450 6.18 -30.60 -2.07
C LYS B 450 6.29 -29.09 -1.92
N LEU B 451 5.81 -28.53 -0.81
CA LEU B 451 5.62 -27.08 -0.70
C LEU B 451 6.43 -26.38 0.37
N ASN B 452 7.20 -27.09 1.21
CA ASN B 452 7.94 -26.37 2.25
CA ASN B 452 7.98 -26.42 2.25
C ASN B 452 9.10 -25.61 1.60
N TRP B 453 9.11 -24.30 1.82
CA TRP B 453 10.13 -23.42 1.29
C TRP B 453 10.90 -22.68 2.37
N PHE B 454 10.38 -22.65 3.58
CA PHE B 454 10.95 -21.94 4.72
C PHE B 454 11.85 -22.89 5.50
N SER B 455 12.89 -22.33 6.14
CA SER B 455 13.83 -23.18 6.86
C SER B 455 13.21 -23.71 8.14
N ASN B 456 13.55 -24.96 8.46
CA ASN B 456 13.04 -25.64 9.65
C ASN B 456 14.15 -25.70 10.71
N HIS B 457 13.73 -25.63 11.98
CA HIS B 457 14.70 -25.57 13.08
C HIS B 457 14.36 -26.55 14.20
N SAH C . -8.46 -16.61 -1.20
CA SAH C . -9.54 -15.66 -0.87
CB SAH C . -10.90 -16.23 -1.27
CG SAH C . -11.02 -16.67 -2.73
SD SAH C . -12.58 -17.55 -3.03
C SAH C . -9.57 -15.28 0.62
O SAH C . -8.75 -15.73 1.42
OXT SAH C . -10.44 -14.54 1.08
C5' SAH C . -13.54 -16.08 -3.46
C4' SAH C . -14.60 -15.72 -2.41
O4' SAH C . -14.04 -14.94 -1.35
C3' SAH C . -15.72 -14.84 -2.96
O3' SAH C . -16.72 -15.60 -3.60
C2' SAH C . -16.27 -14.20 -1.70
O2' SAH C . -17.16 -15.12 -1.08
C1' SAH C . -15.03 -14.08 -0.83
N9 SAH C . -14.49 -12.71 -0.85
C8 SAH C . -13.29 -12.31 -1.38
N7 SAH C . -13.15 -10.98 -1.18
C5 SAH C . -14.26 -10.53 -0.54
C6 SAH C . -14.66 -9.27 -0.09
N6 SAH C . -13.90 -8.18 -0.25
N1 SAH C . -15.87 -9.17 0.55
C2 SAH C . -16.69 -10.25 0.74
N3 SAH C . -16.29 -11.49 0.30
C4 SAH C . -15.10 -11.62 -0.32
CL CL D . -8.11 -24.29 -2.93
CL CL E . -28.75 -23.27 16.94
N SAH F . -5.46 -13.95 17.96
CA SAH F . -4.44 -14.95 17.65
CB SAH F . -4.69 -16.21 18.48
CG SAH F . -4.34 -16.07 19.95
SD SAH F . -4.74 -17.55 20.94
C SAH F . -4.36 -15.34 16.15
O SAH F . -5.16 -14.94 15.30
OXT SAH F . -3.47 -16.09 15.79
C5' SAH F . -3.01 -18.05 21.17
C4' SAH F . -2.71 -19.28 20.34
O4' SAH F . -2.49 -18.93 18.98
C3' SAH F . -1.47 -20.03 20.79
O3' SAH F . -1.77 -20.99 21.78
C2' SAH F . -1.03 -20.71 19.51
O2' SAH F . -1.74 -21.93 19.37
C1' SAH F . -1.53 -19.79 18.40
N9 SAH F . -0.42 -18.98 17.89
C8 SAH F . -0.22 -17.62 18.02
N7 SAH F . 0.94 -17.29 17.39
C5 SAH F . 1.48 -18.43 16.86
C6 SAH F . 2.64 -18.68 16.13
N6 SAH F . 3.50 -17.70 15.80
N1 SAH F . 2.92 -19.99 15.75
C2 SAH F . 2.07 -21.02 16.07
N3 SAH F . 0.91 -20.76 16.80
C4 SAH F . 0.64 -19.48 17.18
C2A SHN G . 16.07 8.53 -15.70
C2B SHN G . 11.74 5.94 -12.24
CMA SHN G . 17.36 9.34 -15.67
CMB SHN G . 12.19 6.24 -10.80
NB SHN G . 13.47 4.82 -13.66
ND SHN G . 16.63 4.08 -16.02
C1A SHN G . 16.33 7.04 -15.58
C1B SHN G . 12.92 6.05 -13.22
C1C SHN G . 14.12 1.94 -13.36
C1D SHN G . 17.08 2.87 -16.34
C2C SHN G . 14.76 0.77 -12.93
C2D SHN G . 18.17 3.04 -17.17
C3A SHN G . 15.21 8.79 -14.59
C3B SHN G . 11.39 4.57 -12.41
C3C SHN G . 15.79 0.49 -13.85
C3D SHN G . 18.37 4.41 -17.32
C4A SHN G . 14.64 7.41 -14.30
C4B SHN G . 12.72 3.95 -12.86
C4C SHN G . 15.71 1.51 -14.81
C4D SHN G . 17.36 5.04 -16.58
CAA SHN G . 15.99 9.39 -13.34
CAB SHN G . 10.85 3.90 -11.07
CAC SHN G . 16.74 -0.71 -13.80
CAD SHN G . 19.02 1.93 -17.78
CBA SHN G . 16.29 8.40 -12.22
CBB SHN G . 9.36 4.23 -10.90
CBC SHN G . 17.82 -0.67 -12.71
CBD SHN G . 18.35 1.27 -18.98
CCA SHN G . 16.74 9.12 -10.94
CCB SHN G . 8.71 3.51 -9.73
CCC SHN G . 18.88 0.34 -13.10
CCD SHN G . 19.29 0.22 -19.55
CDA SHN G . 15.29 8.77 -17.03
CDB SHN G . 10.58 6.93 -12.64
CDC SHN G . 14.46 -0.06 -11.69
CDD SHN G . 19.46 5.08 -18.15
CEA SHN G . 14.47 10.06 -16.98
CEB SHN G . 9.80 6.53 -13.89
CEC SHN G . 13.15 -0.82 -11.76
CED SHN G . 20.61 5.66 -17.32
CHA SHN G . 17.19 6.42 -16.48
CHB SHN G . 13.40 7.27 -13.68
CHC SHN G . 13.04 2.59 -12.73
CHD SHN G . 16.55 1.63 -15.94
NA SHN G . 15.25 6.34 -15.00
NC SHN G . 14.72 2.33 -14.50
O1A SHN G . 17.73 8.72 -10.30
O1B SHN G . 8.17 4.17 -8.81
O1C SHN G . 12.61 -1.04 -12.88
O1D SHN G . 19.79 -0.65 -18.78
O2A SHN G . 16.15 10.14 -10.51
O2B SHN G . 8.70 2.25 -9.71
O2C SHN G . 12.63 -1.25 -10.71
O2D SHN G . 19.59 0.24 -20.78
O3A SHN G . 14.95 11.10 -17.48
O3B SHN G . 10.41 6.40 -14.98
O3C SHN G . 19.37 0.34 -14.27
O3D SHN G . 20.53 6.81 -16.82
O4A SHN G . 13.31 10.05 -16.49
O4B SHN G . 8.54 6.36 -13.84
O4C SHN G . 19.24 1.20 -12.27
O4D SHN G . 21.64 4.97 -17.11
#